data_4FVV
#
_entry.id   4FVV
#
_cell.length_a   82.603
_cell.length_b   154.630
_cell.length_c   181.029
_cell.angle_alpha   90.00
_cell.angle_beta   90.00
_cell.angle_gamma   90.00
#
_symmetry.space_group_name_H-M   'I 2 2 2'
#
loop_
_entity.id
_entity.type
_entity.pdbx_description
1 polymer Neurotoxin
2 non-polymer 'SULFATE ION'
3 non-polymer GLYCEROL
4 non-polymer 'N-acetyl-alpha-neuraminic acid'
5 water water
#
_entity_poly.entity_id   1
_entity_poly.type   'polypeptide(L)'
_entity_poly.pdbx_seq_one_letter_code
;NSINDSKILSLQNKKNTLMDTSGYNAEVRVEGNVQLNPIFPFDFKLGSSGDDRGKVIVTQNENIVYNAMYESFSISFWIR
INKWVSNLPGYTIIDSVKNNSGWSIGIISNFLVFTLKQNENSEQDINFSYDISKNAAGYNKWFFVTITTNMMGNMMIYIN
GKLIDTIKVKELTGINFSKTITFQMNKIPNTGLITSDSDNINMWIRDFYIFAKELDDKDINILFNSLQYTNVVKDYWGND
LRYDKEYYMINVNYMNRYMSKKGNGIVFNTRKNNNDFNEGYKIIIKRIRGNTNDTRVRGENVLYFNTTIDNKQYSLGMYK
PSRNLGTDLVPLGALDQPMDEIRKYGSFIIQPCNTFDYYASQLFLSSNATTNRLGILSIGSYSFRLGGDWYRHEYLIPVI
KIEHYASLLESTSTHWVFVPASE
;
_entity_poly.pdbx_strand_id   A,B
#
# COMPACT_ATOMS: atom_id res chain seq x y z
N SER A 2 32.60 -16.47 0.82
CA SER A 2 32.72 -16.65 2.30
C SER A 2 32.25 -18.04 2.74
N ILE A 3 31.11 -18.06 3.43
CA ILE A 3 30.53 -19.32 3.91
C ILE A 3 29.49 -19.84 2.94
N ASN A 4 29.08 -19.00 1.99
CA ASN A 4 28.08 -19.39 1.01
C ASN A 4 28.44 -20.70 0.31
N ASP A 5 29.71 -21.10 0.39
CA ASP A 5 30.18 -22.34 -0.23
C ASP A 5 29.53 -23.57 0.35
N SER A 6 29.34 -23.56 1.67
CA SER A 6 28.76 -24.68 2.38
C SER A 6 27.25 -24.87 2.14
N LYS A 7 26.64 -24.03 1.32
CA LYS A 7 25.20 -24.17 1.07
C LYS A 7 24.83 -25.35 0.16
N ILE A 8 23.78 -26.06 0.56
CA ILE A 8 23.30 -27.22 -0.20
C ILE A 8 21.77 -27.13 -0.39
N LEU A 9 21.22 -25.99 0.02
CA LEU A 9 19.78 -25.72 -0.10
C LEU A 9 19.54 -24.22 0.06
N SER A 10 18.76 -23.67 -0.85
CA SER A 10 18.46 -22.24 -0.86
C SER A 10 17.01 -22.06 -1.32
N LEU A 11 16.06 -22.34 -0.44
CA LEU A 11 14.64 -22.22 -0.77
C LEU A 11 14.21 -20.74 -0.79
N GLN A 12 14.23 -20.15 -1.98
CA GLN A 12 13.85 -18.76 -2.15
C GLN A 12 12.72 -18.62 -3.18
N ASN A 13 12.06 -17.47 -3.17
CA ASN A 13 10.98 -17.20 -4.11
C ASN A 13 11.51 -16.31 -5.22
N LYS A 14 11.58 -16.86 -6.43
CA LYS A 14 12.04 -16.12 -7.60
C LYS A 14 10.98 -16.15 -8.69
N LYS A 15 10.64 -14.99 -9.24
CA LYS A 15 9.61 -14.92 -10.28
C LYS A 15 8.31 -15.59 -9.82
N ASN A 16 7.87 -15.29 -8.61
CA ASN A 16 6.64 -15.88 -8.09
C ASN A 16 6.69 -17.38 -8.09
N THR A 17 7.88 -17.95 -7.87
CA THR A 17 8.03 -19.40 -7.87
C THR A 17 9.06 -19.91 -6.87
N LEU A 18 8.60 -20.68 -5.87
CA LEU A 18 9.53 -21.23 -4.88
C LEU A 18 10.45 -22.24 -5.55
N MET A 19 11.76 -22.07 -5.37
CA MET A 19 12.72 -22.98 -5.96
C MET A 19 13.96 -23.08 -5.09
N ASP A 20 14.90 -23.93 -5.51
CA ASP A 20 16.15 -24.11 -4.80
C ASP A 20 17.13 -23.28 -5.62
N THR A 21 18.00 -22.53 -4.96
CA THR A 21 18.93 -21.71 -5.71
C THR A 21 20.38 -22.00 -5.35
N SER A 22 20.59 -23.00 -4.52
CA SER A 22 21.94 -23.37 -4.12
C SER A 22 22.75 -23.73 -5.36
N GLY A 23 22.09 -24.36 -6.33
CA GLY A 23 22.74 -24.78 -7.56
C GLY A 23 22.66 -26.29 -7.67
N TYR A 24 22.00 -26.90 -6.69
CA TYR A 24 21.85 -28.35 -6.64
C TYR A 24 20.52 -28.86 -7.17
N ASN A 25 19.62 -27.94 -7.49
CA ASN A 25 18.33 -28.29 -8.09
C ASN A 25 17.42 -29.24 -7.34
N ALA A 26 17.06 -28.88 -6.10
CA ALA A 26 16.17 -29.69 -5.31
C ALA A 26 14.78 -29.53 -5.92
N GLU A 27 13.95 -30.55 -5.75
CA GLU A 27 12.59 -30.54 -6.28
C GLU A 27 11.71 -29.79 -5.27
N VAL A 28 11.05 -28.73 -5.72
CA VAL A 28 10.19 -27.96 -4.83
C VAL A 28 8.77 -27.98 -5.39
N ARG A 29 7.86 -28.59 -4.65
CA ARG A 29 6.46 -28.69 -5.06
C ARG A 29 5.59 -27.89 -4.10
N VAL A 30 4.63 -27.14 -4.64
CA VAL A 30 3.74 -26.34 -3.82
C VAL A 30 2.30 -26.81 -3.99
N GLU A 31 1.73 -27.40 -2.95
CA GLU A 31 0.36 -27.88 -2.99
C GLU A 31 -0.56 -27.04 -2.10
N GLY A 32 -1.83 -26.96 -2.48
CA GLY A 32 -2.81 -26.21 -1.72
C GLY A 32 -2.62 -24.70 -1.68
N ASN A 33 -3.31 -24.07 -0.72
CA ASN A 33 -3.25 -22.64 -0.53
C ASN A 33 -1.91 -22.18 0.03
N VAL A 34 -1.00 -21.82 -0.86
CA VAL A 34 0.31 -21.34 -0.47
C VAL A 34 0.42 -19.98 -1.12
N GLN A 35 0.58 -18.93 -0.31
CA GLN A 35 0.67 -17.60 -0.88
C GLN A 35 2.11 -17.11 -0.92
N LEU A 36 2.55 -16.64 -2.08
CA LEU A 36 3.93 -16.13 -2.22
C LEU A 36 3.91 -14.61 -2.29
N ASN A 37 4.74 -13.98 -1.47
CA ASN A 37 4.82 -12.53 -1.40
C ASN A 37 5.62 -11.95 -2.58
N PRO A 38 4.98 -11.08 -3.38
CA PRO A 38 5.60 -10.43 -4.55
C PRO A 38 6.71 -9.43 -4.21
N ILE A 39 6.68 -8.84 -3.01
CA ILE A 39 7.72 -7.90 -2.62
C ILE A 39 8.61 -8.48 -1.52
N PHE A 40 9.70 -7.77 -1.22
CA PHE A 40 10.62 -8.21 -0.17
C PHE A 40 9.80 -8.42 1.10
N PRO A 41 10.11 -9.48 1.88
CA PRO A 41 11.15 -10.50 1.71
C PRO A 41 10.75 -11.71 0.86
N PHE A 42 9.76 -11.54 0.00
CA PHE A 42 9.32 -12.63 -0.88
C PHE A 42 9.03 -13.92 -0.14
N ASP A 43 8.45 -13.79 1.05
CA ASP A 43 8.11 -14.92 1.89
C ASP A 43 6.93 -15.72 1.33
N PHE A 44 6.73 -16.92 1.87
CA PHE A 44 5.61 -17.73 1.46
C PHE A 44 4.78 -18.02 2.72
N LYS A 45 3.48 -17.73 2.63
CA LYS A 45 2.54 -17.88 3.73
C LYS A 45 1.83 -19.24 3.77
N LEU A 46 1.75 -19.80 4.96
CA LEU A 46 1.12 -21.09 5.17
C LEU A 46 0.03 -21.01 6.24
N GLY A 47 -1.00 -21.84 6.10
CA GLY A 47 -2.06 -21.83 7.08
C GLY A 47 -2.29 -23.19 7.70
N SER A 48 -3.14 -23.22 8.72
CA SER A 48 -3.47 -24.45 9.43
C SER A 48 -4.97 -24.59 9.52
N SER A 49 -5.68 -23.99 8.57
CA SER A 49 -7.12 -23.99 8.60
C SER A 49 -7.89 -24.91 7.66
N GLY A 50 -7.80 -24.62 6.37
CA GLY A 50 -8.53 -25.40 5.37
C GLY A 50 -8.11 -26.82 5.06
N ASP A 51 -9.00 -27.53 4.37
CA ASP A 51 -8.75 -28.93 3.99
C ASP A 51 -7.64 -28.96 2.94
N ASP A 52 -7.26 -27.78 2.46
CA ASP A 52 -6.20 -27.65 1.45
C ASP A 52 -5.12 -26.68 1.94
N ARG A 53 -4.99 -26.55 3.25
CA ARG A 53 -3.97 -25.65 3.81
C ARG A 53 -2.63 -25.91 3.12
N GLY A 54 -2.02 -24.82 2.67
CA GLY A 54 -0.75 -24.90 1.97
C GLY A 54 0.25 -25.95 2.40
N LYS A 55 1.13 -26.30 1.48
CA LYS A 55 2.16 -27.30 1.75
C LYS A 55 3.27 -27.13 0.74
N VAL A 56 4.51 -27.22 1.21
CA VAL A 56 5.65 -27.10 0.34
C VAL A 56 6.50 -28.33 0.56
N ILE A 57 6.91 -28.96 -0.54
CA ILE A 57 7.75 -30.14 -0.44
C ILE A 57 9.07 -29.92 -1.15
N VAL A 58 10.15 -30.05 -0.41
CA VAL A 58 11.48 -29.91 -0.99
C VAL A 58 12.11 -31.30 -0.98
N THR A 59 12.45 -31.80 -2.17
CA THR A 59 13.07 -33.11 -2.30
C THR A 59 14.46 -32.99 -2.89
N GLN A 60 15.45 -33.44 -2.13
CA GLN A 60 16.85 -33.41 -2.55
C GLN A 60 17.09 -34.71 -3.31
N ASN A 61 17.79 -34.64 -4.44
CA ASN A 61 18.07 -35.87 -5.19
C ASN A 61 19.05 -36.75 -4.38
N GLU A 62 19.62 -37.76 -5.02
CA GLU A 62 20.56 -38.64 -4.31
C GLU A 62 21.99 -38.13 -4.26
N ASN A 63 22.19 -36.87 -4.64
CA ASN A 63 23.51 -36.24 -4.63
C ASN A 63 24.30 -36.63 -3.37
N ILE A 64 25.62 -36.60 -3.48
CA ILE A 64 26.49 -36.96 -2.36
C ILE A 64 26.61 -35.80 -1.37
N VAL A 65 26.72 -34.58 -1.88
CA VAL A 65 26.86 -33.39 -1.04
C VAL A 65 25.86 -33.39 0.11
N TYR A 66 24.70 -34.02 -0.12
CA TYR A 66 23.64 -34.09 0.88
C TYR A 66 23.97 -35.03 2.04
N ASN A 67 25.21 -35.51 2.08
CA ASN A 67 25.64 -36.41 3.15
C ASN A 67 26.56 -35.71 4.14
N ALA A 68 26.93 -34.48 3.83
CA ALA A 68 27.78 -33.71 4.73
C ALA A 68 26.90 -33.44 5.95
N MET A 69 25.65 -33.85 5.83
CA MET A 69 24.67 -33.69 6.89
C MET A 69 24.96 -34.60 8.08
N TYR A 70 25.77 -35.63 7.85
CA TYR A 70 26.09 -36.57 8.91
C TYR A 70 27.22 -36.09 9.84
N GLU A 71 27.94 -35.06 9.41
CA GLU A 71 29.02 -34.50 10.22
C GLU A 71 28.56 -33.19 10.84
N SER A 72 28.59 -32.13 10.02
CA SER A 72 28.16 -30.82 10.46
C SER A 72 27.18 -30.22 9.46
N PHE A 73 26.15 -29.58 9.99
CA PHE A 73 25.15 -28.94 9.15
C PHE A 73 24.35 -27.92 9.97
N SER A 74 24.01 -26.80 9.34
CA SER A 74 23.24 -25.74 9.99
C SER A 74 21.96 -25.42 9.20
N ILE A 75 20.94 -24.96 9.91
CA ILE A 75 19.67 -24.59 9.28
C ILE A 75 19.40 -23.14 9.64
N SER A 76 18.89 -22.35 8.69
CA SER A 76 18.59 -20.96 8.98
C SER A 76 17.40 -20.49 8.17
N PHE A 77 16.56 -19.65 8.77
CA PHE A 77 15.39 -19.16 8.05
C PHE A 77 14.61 -18.09 8.83
N TRP A 78 14.04 -17.14 8.11
CA TRP A 78 13.25 -16.12 8.76
C TRP A 78 11.85 -16.68 8.84
N ILE A 79 11.27 -16.64 10.03
CA ILE A 79 9.93 -17.17 10.23
C ILE A 79 9.09 -16.23 11.07
N ARG A 80 7.78 -16.27 10.87
CA ARG A 80 6.84 -15.47 11.61
C ARG A 80 5.56 -16.29 11.81
N ILE A 81 5.10 -16.39 13.06
CA ILE A 81 3.90 -17.15 13.40
C ILE A 81 2.84 -16.16 13.88
N ASN A 82 1.73 -16.02 13.16
CA ASN A 82 0.75 -15.08 13.62
C ASN A 82 -0.29 -15.61 14.58
N LYS A 83 -0.20 -14.93 15.72
CA LYS A 83 -0.97 -15.08 16.91
C LYS A 83 -0.43 -16.31 17.60
N TRP A 84 0.90 -16.35 17.70
CA TRP A 84 1.61 -17.42 18.38
C TRP A 84 1.40 -17.09 19.86
N VAL A 85 0.21 -17.42 20.32
CA VAL A 85 -0.21 -17.19 21.69
C VAL A 85 0.44 -18.20 22.64
N SER A 86 0.44 -17.88 23.93
CA SER A 86 1.06 -18.72 24.95
C SER A 86 0.49 -20.13 25.08
N ASN A 87 -0.83 -20.25 25.01
CA ASN A 87 -1.47 -21.55 25.11
C ASN A 87 -1.70 -22.15 23.73
N LEU A 88 -0.72 -22.02 22.84
CA LEU A 88 -0.87 -22.57 21.51
C LEU A 88 -0.73 -24.08 21.59
N PRO A 89 -1.52 -24.82 20.79
CA PRO A 89 -1.43 -26.28 20.79
C PRO A 89 -0.30 -26.73 19.89
N GLY A 90 0.26 -27.90 20.21
CA GLY A 90 1.36 -28.46 19.45
C GLY A 90 1.12 -28.54 17.95
N TYR A 91 2.17 -28.19 17.20
CA TYR A 91 2.12 -28.22 15.75
C TYR A 91 3.50 -28.64 15.27
N THR A 92 3.57 -28.98 14.00
CA THR A 92 4.81 -29.35 13.36
C THR A 92 4.74 -28.40 12.19
N ILE A 93 5.84 -27.73 11.89
CA ILE A 93 5.86 -26.79 10.79
C ILE A 93 6.83 -27.21 9.70
N ILE A 94 8.01 -27.67 10.09
CA ILE A 94 9.02 -28.11 9.13
C ILE A 94 9.53 -29.48 9.52
N ASP A 95 8.92 -30.51 8.92
CA ASP A 95 9.28 -31.89 9.21
C ASP A 95 10.21 -32.51 8.16
N SER A 96 11.22 -33.23 8.65
CA SER A 96 12.17 -33.89 7.79
C SER A 96 12.52 -35.26 8.40
N VAL A 97 11.50 -35.98 8.83
CA VAL A 97 11.65 -37.30 9.42
C VAL A 97 11.09 -38.31 8.43
N LYS A 98 11.88 -39.31 8.05
CA LYS A 98 11.42 -40.32 7.10
C LYS A 98 10.78 -41.51 7.79
N ASN A 99 11.62 -42.43 8.26
CA ASN A 99 11.14 -43.61 8.96
C ASN A 99 11.69 -43.47 10.36
N ASN A 100 11.01 -42.62 11.14
CA ASN A 100 11.40 -42.34 12.52
C ASN A 100 12.89 -42.03 12.59
N SER A 101 13.32 -41.10 11.75
CA SER A 101 14.71 -40.67 11.72
C SER A 101 14.82 -39.40 10.88
N GLY A 102 15.76 -38.55 11.25
CA GLY A 102 15.96 -37.27 10.55
C GLY A 102 15.80 -36.12 11.53
N TRP A 103 15.20 -35.02 11.09
CA TRP A 103 15.00 -33.88 11.98
C TRP A 103 13.63 -33.24 11.77
N SER A 104 13.13 -32.59 12.82
CA SER A 104 11.83 -31.96 12.74
C SER A 104 11.80 -30.66 13.54
N ILE A 105 10.94 -29.74 13.14
CA ILE A 105 10.81 -28.46 13.82
C ILE A 105 9.34 -28.22 14.14
N GLY A 106 9.05 -27.93 15.40
CA GLY A 106 7.68 -27.67 15.80
C GLY A 106 7.53 -26.57 16.84
N ILE A 107 6.28 -26.20 17.11
CA ILE A 107 5.98 -25.17 18.10
C ILE A 107 4.86 -25.70 18.99
N ILE A 108 5.07 -25.68 20.30
CA ILE A 108 4.04 -26.18 21.21
C ILE A 108 3.24 -25.06 21.83
N SER A 109 3.67 -24.55 22.99
CA SER A 109 2.93 -23.46 23.62
C SER A 109 3.58 -22.17 23.21
N ASN A 110 4.73 -21.90 23.80
CA ASN A 110 5.49 -20.71 23.49
C ASN A 110 6.91 -21.20 23.24
N PHE A 111 6.98 -22.45 22.77
CA PHE A 111 8.24 -23.09 22.46
C PHE A 111 8.42 -23.34 20.97
N LEU A 112 9.66 -23.24 20.51
CA LEU A 112 10.01 -23.53 19.12
C LEU A 112 10.99 -24.67 19.36
N VAL A 113 10.59 -25.88 19.00
CA VAL A 113 11.45 -27.03 19.21
C VAL A 113 11.98 -27.72 17.96
N PHE A 114 13.30 -27.92 17.96
CA PHE A 114 13.95 -28.61 16.87
C PHE A 114 14.34 -29.98 17.43
N THR A 115 13.82 -31.04 16.81
CA THR A 115 14.10 -32.39 17.26
C THR A 115 15.05 -33.11 16.31
N LEU A 116 15.77 -34.09 16.86
CA LEU A 116 16.71 -34.88 16.09
C LEU A 116 16.45 -36.34 16.41
N LYS A 117 15.51 -36.96 15.67
CA LYS A 117 15.16 -38.35 15.88
C LYS A 117 16.23 -39.30 15.39
N GLN A 118 16.90 -39.96 16.33
CA GLN A 118 17.94 -40.93 16.02
C GLN A 118 17.20 -42.14 15.46
N ASN A 119 16.10 -42.51 16.13
CA ASN A 119 15.24 -43.63 15.74
C ASN A 119 13.86 -43.49 16.41
N GLU A 120 13.01 -44.51 16.27
CA GLU A 120 11.67 -44.47 16.84
C GLU A 120 11.68 -44.31 18.35
N ASN A 121 12.86 -44.46 18.95
CA ASN A 121 13.03 -44.31 20.39
C ASN A 121 13.92 -43.12 20.68
N SER A 122 15.24 -43.33 20.64
CA SER A 122 16.20 -42.27 20.90
C SER A 122 15.97 -41.03 20.04
N GLU A 123 16.02 -39.86 20.67
CA GLU A 123 15.82 -38.61 19.96
C GLU A 123 16.03 -37.42 20.89
N GLN A 124 16.82 -36.45 20.46
CA GLN A 124 17.09 -35.27 21.26
C GLN A 124 16.38 -34.04 20.71
N ASP A 125 16.49 -32.93 21.44
CA ASP A 125 15.87 -31.69 21.01
C ASP A 125 16.17 -30.50 21.91
N ILE A 126 16.43 -29.36 21.27
CA ILE A 126 16.72 -28.11 21.94
C ILE A 126 15.55 -27.20 21.60
N ASN A 127 15.47 -26.04 22.23
CA ASN A 127 14.36 -25.14 21.95
C ASN A 127 14.58 -23.67 22.28
N PHE A 128 13.53 -22.92 21.98
CA PHE A 128 13.45 -21.50 22.25
C PHE A 128 12.04 -21.26 22.78
N SER A 129 11.93 -20.69 23.97
CA SER A 129 10.61 -20.38 24.52
C SER A 129 10.64 -18.88 24.77
N TYR A 130 9.72 -18.17 24.14
CA TYR A 130 9.71 -16.72 24.29
C TYR A 130 9.16 -16.23 25.61
N ASP A 131 9.82 -15.21 26.17
CA ASP A 131 9.40 -14.59 27.42
C ASP A 131 7.95 -14.13 27.23
N ILE A 132 7.00 -14.86 27.79
CA ILE A 132 5.59 -14.52 27.63
C ILE A 132 5.19 -13.15 28.19
N SER A 133 5.70 -12.81 29.37
CA SER A 133 5.38 -11.53 30.00
C SER A 133 5.65 -10.36 29.07
N LYS A 134 6.60 -10.53 28.15
CA LYS A 134 6.92 -9.46 27.22
C LYS A 134 6.16 -9.56 25.90
N ASN A 135 5.27 -10.54 25.78
CA ASN A 135 4.51 -10.75 24.54
C ASN A 135 3.06 -11.12 24.78
N ALA A 136 2.35 -10.26 25.50
CA ALA A 136 0.94 -10.49 25.82
C ALA A 136 0.06 -10.74 24.59
N ALA A 137 0.27 -9.94 23.54
CA ALA A 137 -0.51 -10.05 22.30
C ALA A 137 0.05 -11.15 21.40
N GLY A 138 0.84 -12.05 21.97
CA GLY A 138 1.42 -13.12 21.20
C GLY A 138 2.77 -12.72 20.63
N TYR A 139 3.62 -13.71 20.34
CA TYR A 139 4.93 -13.45 19.77
C TYR A 139 4.72 -13.47 18.27
N ASN A 140 4.11 -12.42 17.73
CA ASN A 140 3.79 -12.36 16.31
C ASN A 140 4.73 -11.61 15.39
N LYS A 141 5.99 -11.44 15.80
CA LYS A 141 6.97 -10.73 14.98
C LYS A 141 7.93 -11.69 14.28
N TRP A 142 8.60 -11.18 13.25
CA TRP A 142 9.58 -11.94 12.49
C TRP A 142 10.80 -12.20 13.38
N PHE A 143 11.36 -13.40 13.26
CA PHE A 143 12.55 -13.73 14.02
C PHE A 143 13.34 -14.75 13.22
N PHE A 144 14.65 -14.56 13.21
CA PHE A 144 15.58 -15.42 12.48
C PHE A 144 16.05 -16.60 13.33
N VAL A 145 15.95 -17.80 12.76
CA VAL A 145 16.35 -19.03 13.45
C VAL A 145 17.62 -19.59 12.83
N THR A 146 18.48 -20.15 13.67
CA THR A 146 19.72 -20.75 13.21
C THR A 146 20.03 -21.93 14.12
N ILE A 147 19.89 -23.13 13.55
CA ILE A 147 20.14 -24.36 14.27
C ILE A 147 21.41 -24.97 13.72
N THR A 148 22.44 -25.07 14.55
CA THR A 148 23.71 -25.67 14.13
C THR A 148 23.83 -27.05 14.79
N THR A 149 24.09 -28.07 13.98
CA THR A 149 24.22 -29.43 14.49
C THR A 149 25.53 -30.09 14.11
N ASN A 150 26.23 -30.61 15.11
CA ASN A 150 27.48 -31.31 14.88
C ASN A 150 27.25 -32.73 15.39
N MET A 151 27.18 -33.70 14.49
CA MET A 151 26.92 -35.08 14.89
C MET A 151 27.93 -35.69 15.86
N MET A 152 29.12 -35.10 15.91
CA MET A 152 30.16 -35.57 16.84
C MET A 152 30.27 -34.53 17.95
N GLY A 153 29.69 -33.35 17.71
CA GLY A 153 29.76 -32.28 18.68
C GLY A 153 28.48 -31.87 19.40
N ASN A 154 28.05 -30.63 19.15
CA ASN A 154 26.87 -30.08 19.79
C ASN A 154 25.70 -29.71 18.89
N MET A 155 24.53 -29.65 19.51
CA MET A 155 23.27 -29.33 18.85
C MET A 155 22.75 -28.01 19.44
N MET A 156 23.01 -26.90 18.75
CA MET A 156 22.59 -25.57 19.23
C MET A 156 21.52 -24.85 18.42
N ILE A 157 20.80 -23.95 19.08
CA ILE A 157 19.76 -23.15 18.42
C ILE A 157 19.95 -21.67 18.76
N TYR A 158 19.91 -20.83 17.73
CA TYR A 158 20.07 -19.39 17.90
C TYR A 158 18.81 -18.63 17.46
N ILE A 159 18.61 -17.45 18.05
CA ILE A 159 17.47 -16.61 17.73
C ILE A 159 17.99 -15.20 17.50
N ASN A 160 17.81 -14.70 16.28
CA ASN A 160 18.29 -13.38 15.93
C ASN A 160 19.78 -13.26 16.31
N GLY A 161 20.54 -14.28 15.92
CA GLY A 161 21.96 -14.33 16.18
C GLY A 161 22.37 -14.64 17.61
N LYS A 162 21.39 -14.75 18.51
CA LYS A 162 21.69 -15.01 19.91
C LYS A 162 21.54 -16.47 20.33
N LEU A 163 22.58 -17.03 20.93
CA LEU A 163 22.54 -18.41 21.38
C LEU A 163 21.51 -18.55 22.50
N ILE A 164 20.53 -19.43 22.31
CA ILE A 164 19.48 -19.63 23.29
C ILE A 164 19.55 -20.95 24.04
N ASP A 165 20.06 -21.97 23.35
CA ASP A 165 20.16 -23.29 23.96
C ASP A 165 21.22 -24.15 23.25
N THR A 166 21.65 -25.20 23.92
CA THR A 166 22.65 -26.11 23.38
C THR A 166 22.75 -27.35 24.24
N ILE A 167 22.98 -28.49 23.59
CA ILE A 167 23.13 -29.76 24.28
C ILE A 167 24.08 -30.68 23.49
N LYS A 168 24.73 -31.59 24.20
CA LYS A 168 25.68 -32.54 23.60
C LYS A 168 24.95 -33.57 22.76
N VAL A 169 25.33 -33.69 21.49
CA VAL A 169 24.68 -34.66 20.62
C VAL A 169 25.08 -36.06 21.12
N LYS A 170 24.10 -36.91 21.36
CA LYS A 170 24.40 -38.24 21.87
C LYS A 170 25.06 -39.15 20.81
N LEU A 172 26.88 -41.37 21.02
CA LEU A 172 27.09 -41.25 19.54
C LEU A 172 26.43 -42.42 18.79
N THR A 173 25.10 -42.44 18.79
CA THR A 173 24.33 -43.49 18.12
C THR A 173 24.15 -43.18 16.63
N GLY A 174 23.65 -44.16 15.89
CA GLY A 174 23.45 -43.98 14.46
C GLY A 174 22.09 -43.41 14.07
N ILE A 175 22.10 -42.53 13.05
CA ILE A 175 20.88 -41.91 12.55
C ILE A 175 20.88 -41.92 11.02
N ASN A 176 19.72 -41.60 10.42
CA ASN A 176 19.58 -41.60 8.97
C ASN A 176 18.70 -40.43 8.48
N PHE A 177 19.35 -39.41 7.91
CA PHE A 177 18.63 -38.23 7.42
C PHE A 177 17.84 -38.44 6.13
N SER A 178 16.70 -37.76 6.04
CA SER A 178 15.82 -37.86 4.87
C SER A 178 16.22 -36.94 3.73
N LYS A 179 15.64 -37.18 2.56
CA LYS A 179 15.91 -36.37 1.38
C LYS A 179 14.70 -35.45 1.13
N THR A 180 13.75 -35.50 2.06
CA THR A 180 12.53 -34.70 1.96
C THR A 180 12.27 -33.82 3.18
N ILE A 181 11.87 -32.58 2.91
CA ILE A 181 11.54 -31.62 3.95
C ILE A 181 10.14 -31.17 3.57
N THR A 182 9.24 -31.07 4.53
CA THR A 182 7.90 -30.63 4.20
C THR A 182 7.47 -29.48 5.10
N PHE A 183 7.15 -28.36 4.47
CA PHE A 183 6.70 -27.19 5.19
C PHE A 183 5.19 -27.29 5.19
N GLN A 184 4.62 -27.46 6.38
CA GLN A 184 3.17 -27.56 6.52
C GLN A 184 2.86 -27.50 8.01
N MET A 185 1.70 -26.95 8.33
CA MET A 185 1.31 -26.84 9.73
C MET A 185 0.37 -27.97 10.14
N ASN A 186 0.98 -29.10 10.53
CA ASN A 186 0.20 -30.26 10.94
C ASN A 186 -0.01 -30.31 12.43
N LYS A 187 -1.26 -30.12 12.84
CA LYS A 187 -1.64 -30.13 14.24
C LYS A 187 -1.39 -31.50 14.86
N ILE A 188 -0.55 -31.54 15.89
CA ILE A 188 -0.23 -32.77 16.61
C ILE A 188 -1.51 -33.31 17.22
N PRO A 189 -1.79 -34.62 17.03
CA PRO A 189 -2.98 -35.31 17.54
C PRO A 189 -3.31 -35.14 19.03
N SER A 198 -10.53 -16.66 17.71
CA SER A 198 -9.78 -17.21 16.55
C SER A 198 -9.08 -18.52 16.93
N ASP A 199 -8.86 -19.37 15.93
CA ASP A 199 -8.19 -20.66 16.13
C ASP A 199 -7.21 -20.98 14.99
N ASN A 200 -7.37 -20.31 13.85
CA ASN A 200 -6.49 -20.52 12.70
C ASN A 200 -5.25 -19.63 12.78
N ILE A 201 -4.08 -20.26 12.72
CA ILE A 201 -2.82 -19.52 12.78
C ILE A 201 -2.08 -19.58 11.44
N ASN A 202 -1.40 -18.49 11.10
CA ASN A 202 -0.63 -18.46 9.85
C ASN A 202 0.88 -18.45 10.11
N MET A 203 1.63 -18.80 9.07
CA MET A 203 3.08 -18.85 9.15
C MET A 203 3.75 -18.38 7.87
N TRP A 204 4.68 -17.42 7.99
CA TRP A 204 5.41 -16.92 6.85
C TRP A 204 6.85 -17.40 6.95
N ILE A 205 7.37 -17.97 5.86
CA ILE A 205 8.75 -18.46 5.85
C ILE A 205 9.51 -17.69 4.78
N ARG A 206 10.80 -17.49 5.01
CA ARG A 206 11.62 -16.76 4.08
C ARG A 206 13.12 -17.06 4.17
N ASP A 207 13.73 -17.37 3.03
CA ASP A 207 15.15 -17.69 2.94
C ASP A 207 15.58 -18.89 3.77
N PHE A 208 15.08 -20.08 3.40
CA PHE A 208 15.40 -21.31 4.13
C PHE A 208 16.70 -21.94 3.63
N TYR A 209 17.72 -21.93 4.46
CA TYR A 209 19.01 -22.51 4.10
C TYR A 209 19.39 -23.68 4.98
N ILE A 210 20.30 -24.48 4.44
CA ILE A 210 20.85 -25.63 5.13
C ILE A 210 22.28 -25.61 4.63
N PHE A 211 23.21 -25.41 5.55
CA PHE A 211 24.63 -25.37 5.19
C PHE A 211 25.25 -26.71 5.54
N ALA A 212 26.31 -27.09 4.82
CA ALA A 212 26.98 -28.36 5.07
C ALA A 212 28.15 -28.18 6.04
N LYS A 213 27.93 -27.36 7.07
CA LYS A 213 28.94 -27.09 8.07
C LYS A 213 28.28 -26.50 9.31
N GLU A 214 29.03 -26.49 10.41
CA GLU A 214 28.54 -25.92 11.65
C GLU A 214 28.91 -24.43 11.61
N LEU A 215 27.91 -23.58 11.39
CA LEU A 215 28.18 -22.15 11.36
C LEU A 215 28.51 -21.76 12.79
N ASP A 216 29.41 -20.81 12.97
CA ASP A 216 29.76 -20.39 14.31
C ASP A 216 29.11 -19.05 14.63
N ASP A 217 29.11 -18.66 15.90
CA ASP A 217 28.50 -17.40 16.33
C ASP A 217 28.78 -16.29 15.31
N LYS A 218 30.06 -16.09 14.99
CA LYS A 218 30.49 -15.08 14.04
C LYS A 218 29.76 -15.32 12.70
N ASP A 219 29.80 -16.57 12.24
CA ASP A 219 29.14 -16.97 11.00
C ASP A 219 27.67 -16.51 11.05
N ILE A 220 26.91 -17.14 11.94
CA ILE A 220 25.49 -16.86 12.16
C ILE A 220 25.07 -15.40 12.02
N ASN A 221 25.75 -14.52 12.74
CA ASN A 221 25.39 -13.10 12.72
C ASN A 221 25.70 -12.32 11.45
N ILE A 222 26.69 -12.75 10.69
CA ILE A 222 26.97 -12.06 9.43
C ILE A 222 25.85 -12.45 8.47
N LEU A 223 25.35 -13.67 8.59
CA LEU A 223 24.27 -14.16 7.75
C LEU A 223 22.98 -13.45 8.18
N PHE A 224 22.83 -13.29 9.49
CA PHE A 224 21.67 -12.64 10.09
C PHE A 224 21.45 -11.22 9.58
N ASN A 225 22.52 -10.43 9.56
CA ASN A 225 22.44 -9.05 9.11
C ASN A 225 22.40 -8.93 7.60
N SER A 226 23.14 -9.78 6.91
CA SER A 226 23.18 -9.74 5.45
C SER A 226 21.79 -9.92 4.84
N LEU A 227 20.89 -10.59 5.56
CA LEU A 227 19.53 -10.84 5.11
C LEU A 227 18.54 -9.71 5.45
N GLN A 228 19.06 -8.60 5.95
CA GLN A 228 18.20 -7.47 6.31
C GLN A 228 18.64 -6.14 5.66
N TYR A 229 17.68 -5.25 5.46
CA TYR A 229 17.95 -3.92 4.96
C TYR A 229 17.86 -3.15 6.27
N THR A 230 18.93 -3.24 7.05
CA THR A 230 18.99 -2.61 8.35
C THR A 230 18.70 -1.13 8.42
N ASN A 231 18.84 -0.42 7.31
CA ASN A 231 18.56 1.01 7.33
C ASN A 231 17.05 1.25 7.28
N VAL A 232 16.29 0.22 6.90
CA VAL A 232 14.83 0.30 6.83
C VAL A 232 14.20 0.05 8.20
N VAL A 233 13.59 1.08 8.77
CA VAL A 233 12.95 0.93 10.08
C VAL A 233 11.81 -0.10 9.96
N LYS A 234 11.62 -0.90 10.99
CA LYS A 234 10.58 -1.94 10.97
C LYS A 234 9.48 -1.69 11.98
N ASP A 235 8.24 -2.08 11.66
CA ASP A 235 7.14 -1.92 12.61
C ASP A 235 7.37 -2.94 13.75
N TYR A 236 6.41 -3.04 14.67
CA TYR A 236 6.54 -3.95 15.81
C TYR A 236 6.71 -5.43 15.46
N TRP A 237 6.06 -5.87 14.40
CA TRP A 237 6.11 -7.25 13.99
C TRP A 237 7.27 -7.61 13.05
N GLY A 238 8.19 -6.66 12.84
CA GLY A 238 9.33 -6.92 11.97
C GLY A 238 9.18 -6.58 10.50
N ASN A 239 8.01 -6.07 10.12
CA ASN A 239 7.75 -5.69 8.75
C ASN A 239 8.25 -4.26 8.52
N ASP A 240 8.37 -3.85 7.26
CA ASP A 240 8.85 -2.50 6.94
C ASP A 240 7.87 -1.42 7.37
N LEU A 241 8.37 -0.40 8.05
CA LEU A 241 7.53 0.70 8.49
C LEU A 241 7.22 1.54 7.23
N ARG A 242 5.98 1.98 7.08
CA ARG A 242 5.63 2.76 5.91
C ARG A 242 5.00 4.09 6.30
N TYR A 243 5.08 5.07 5.39
CA TYR A 243 4.48 6.37 5.62
C TYR A 243 3.03 6.26 5.16
N ASP A 244 2.25 7.29 5.47
CA ASP A 244 0.87 7.34 5.07
C ASP A 244 0.07 6.11 5.51
N LYS A 245 0.46 5.55 6.65
CA LYS A 245 -0.20 4.37 7.23
C LYS A 245 -0.50 4.57 8.72
N GLU A 246 -1.66 4.11 9.18
CA GLU A 246 -2.00 4.28 10.58
C GLU A 246 -1.28 3.31 11.53
N TYR A 247 -0.92 3.80 12.70
CA TYR A 247 -0.21 2.99 13.70
C TYR A 247 -0.52 3.46 15.10
N TYR A 248 -0.24 2.59 16.05
CA TYR A 248 -0.37 2.92 17.45
C TYR A 248 1.10 3.05 17.78
N MET A 249 1.48 4.23 18.26
CA MET A 249 2.85 4.50 18.62
C MET A 249 2.94 4.12 20.11
N ILE A 250 4.01 3.41 20.48
CA ILE A 250 4.18 2.99 21.86
C ILE A 250 5.66 3.01 22.28
N ASN A 251 5.87 3.32 23.56
CA ASN A 251 7.20 3.38 24.17
C ASN A 251 7.52 2.00 24.74
N VAL A 252 8.73 1.52 24.43
CA VAL A 252 9.17 0.22 24.91
C VAL A 252 8.96 -0.01 26.41
N ASN A 253 9.19 1.00 27.22
CA ASN A 253 9.04 0.86 28.67
C ASN A 253 7.61 0.98 29.20
N TYR A 254 6.68 1.39 28.33
CA TYR A 254 5.27 1.54 28.71
C TYR A 254 4.37 0.93 27.62
N MET A 255 4.59 -0.36 27.39
CA MET A 255 3.87 -1.12 26.37
C MET A 255 2.39 -1.35 26.68
N ASN A 256 2.01 -1.10 27.92
CA ASN A 256 0.62 -1.25 28.34
C ASN A 256 -0.13 0.08 28.29
N ARG A 257 0.44 1.08 27.61
CA ARG A 257 -0.19 2.40 27.52
C ARG A 257 -0.65 2.73 26.09
N TYR A 258 -1.72 3.51 25.98
CA TYR A 258 -2.23 3.96 24.68
C TYR A 258 -2.25 5.48 24.71
N MET A 259 -2.27 6.11 23.54
CA MET A 259 -2.26 7.56 23.47
C MET A 259 -3.65 8.20 23.52
N SER A 260 -3.75 9.26 24.30
CA SER A 260 -5.00 10.00 24.41
C SER A 260 -4.72 11.51 24.46
N LYS A 261 -5.75 12.33 24.64
CA LYS A 261 -5.55 13.76 24.65
C LYS A 261 -6.18 14.49 25.81
N LYS A 262 -5.45 15.47 26.33
CA LYS A 262 -5.90 16.31 27.43
C LYS A 262 -5.21 17.65 27.15
N GLY A 263 -5.99 18.69 26.97
CA GLY A 263 -5.40 19.98 26.66
C GLY A 263 -4.61 19.83 25.38
N ASN A 264 -3.36 20.29 25.40
CA ASN A 264 -2.48 20.20 24.24
C ASN A 264 -1.69 18.91 24.27
N GLY A 265 -1.58 18.32 25.45
CA GLY A 265 -0.78 17.13 25.59
C GLY A 265 -1.33 15.79 25.18
N ILE A 266 -0.39 14.91 24.89
CA ILE A 266 -0.71 13.55 24.55
C ILE A 266 -0.43 12.86 25.88
N VAL A 267 -1.41 12.16 26.42
CA VAL A 267 -1.21 11.47 27.68
C VAL A 267 -1.27 9.96 27.46
N PHE A 268 -0.58 9.22 28.30
CA PHE A 268 -0.55 7.76 28.18
C PHE A 268 -1.41 7.10 29.21
N ASN A 269 -2.43 6.39 28.75
CA ASN A 269 -3.34 5.71 29.67
C ASN A 269 -3.28 4.18 29.57
N THR A 270 -3.43 3.54 30.72
CA THR A 270 -3.40 2.09 30.82
C THR A 270 -4.44 1.38 29.97
N ARG A 271 -3.95 0.48 29.10
CA ARG A 271 -4.80 -0.31 28.20
C ARG A 271 -5.77 -1.21 28.94
N LYS A 272 -7.01 -1.27 28.45
CA LYS A 272 -8.03 -2.11 29.05
C LYS A 272 -7.94 -3.49 28.41
N ASN A 273 -7.29 -3.55 27.26
CA ASN A 273 -7.13 -4.81 26.54
C ASN A 273 -5.65 -5.15 26.48
N ASN A 274 -5.23 -6.15 27.25
CA ASN A 274 -3.83 -6.54 27.29
C ASN A 274 -3.45 -7.64 26.33
N ASN A 275 -4.37 -8.04 25.47
CA ASN A 275 -4.11 -9.11 24.52
C ASN A 275 -4.17 -8.60 23.10
N ASP A 276 -4.50 -7.33 22.95
CA ASP A 276 -4.63 -6.71 21.63
C ASP A 276 -4.24 -5.24 21.63
N PHE A 277 -4.00 -4.71 20.43
CA PHE A 277 -3.67 -3.31 20.26
C PHE A 277 -4.87 -2.75 19.50
N ASN A 278 -5.74 -2.08 20.23
CA ASN A 278 -6.96 -1.53 19.66
C ASN A 278 -7.51 -0.42 20.57
N GLU A 279 -6.64 0.47 21.03
CA GLU A 279 -7.07 1.53 21.92
C GLU A 279 -6.35 2.86 21.69
N GLY A 280 -7.09 3.95 21.82
CA GLY A 280 -6.51 5.27 21.66
C GLY A 280 -6.39 5.75 20.24
N TYR A 281 -5.80 6.93 20.09
CA TYR A 281 -5.61 7.54 18.80
C TYR A 281 -4.42 6.98 18.04
N LYS A 282 -4.55 6.97 16.73
CA LYS A 282 -3.53 6.45 15.84
C LYS A 282 -2.67 7.59 15.31
N ILE A 283 -1.46 7.27 14.86
CA ILE A 283 -0.63 8.29 14.27
C ILE A 283 -0.34 7.84 12.84
N ILE A 284 -0.10 8.80 11.95
CA ILE A 284 0.22 8.51 10.56
C ILE A 284 1.53 9.22 10.31
N ILE A 285 2.56 8.49 9.89
CA ILE A 285 3.85 9.10 9.63
C ILE A 285 3.93 9.72 8.22
N LYS A 286 4.30 10.98 8.15
CA LYS A 286 4.39 11.70 6.89
C LYS A 286 5.85 11.95 6.51
N ARG A 287 6.19 11.73 5.25
CA ARG A 287 7.56 11.93 4.81
C ARG A 287 7.88 13.37 4.42
N ILE A 288 9.12 13.77 4.68
CA ILE A 288 9.62 15.10 4.35
C ILE A 288 10.90 14.90 3.57
N ARG A 289 11.77 14.06 4.10
CA ARG A 289 13.04 13.75 3.46
C ARG A 289 13.26 12.24 3.44
N GLY A 290 13.31 11.68 2.23
CA GLY A 290 13.52 10.26 2.10
C GLY A 290 13.39 9.79 0.68
N ASN A 291 13.48 8.48 0.52
CA ASN A 291 13.38 7.81 -0.77
C ASN A 291 11.98 8.00 -1.35
N THR A 292 11.87 8.34 -2.63
CA THR A 292 10.54 8.50 -3.21
C THR A 292 10.05 7.29 -4.02
N ASN A 293 10.88 6.24 -4.11
CA ASN A 293 10.52 5.03 -4.84
C ASN A 293 9.41 4.25 -4.15
N ASP A 294 9.40 4.33 -2.82
CA ASP A 294 8.40 3.64 -2.05
C ASP A 294 8.00 4.44 -0.84
N THR A 295 7.12 3.85 -0.04
CA THR A 295 6.62 4.49 1.16
C THR A 295 7.32 3.95 2.42
N ARG A 296 8.47 3.29 2.23
CA ARG A 296 9.22 2.74 3.35
C ARG A 296 9.96 3.81 4.15
N VAL A 297 9.88 3.75 5.47
CA VAL A 297 10.56 4.71 6.33
C VAL A 297 12.00 4.25 6.57
N ARG A 298 12.96 5.07 6.12
CA ARG A 298 14.37 4.74 6.25
C ARG A 298 15.20 5.43 7.31
N GLY A 299 16.46 5.01 7.36
CA GLY A 299 17.45 5.51 8.30
C GLY A 299 17.39 6.94 8.77
N GLU A 300 17.88 7.88 7.97
CA GLU A 300 17.89 9.29 8.38
C GLU A 300 16.83 10.15 7.72
N ASN A 301 15.63 9.59 7.60
CA ASN A 301 14.52 10.29 6.99
C ASN A 301 14.03 11.38 7.94
N VAL A 302 13.66 12.52 7.40
CA VAL A 302 13.10 13.55 8.25
C VAL A 302 11.59 13.39 8.03
N LEU A 303 10.82 13.34 9.10
CA LEU A 303 9.37 13.14 8.98
C LEU A 303 8.62 13.82 10.10
N TYR A 304 7.29 13.70 10.09
CA TYR A 304 6.50 14.28 11.16
C TYR A 304 5.30 13.37 11.45
N PHE A 305 4.58 13.67 12.53
CA PHE A 305 3.44 12.83 12.94
C PHE A 305 2.08 13.48 12.91
N ASN A 306 1.14 12.83 12.23
CA ASN A 306 -0.24 13.31 12.14
C ASN A 306 -1.12 12.38 12.94
N THR A 307 -2.17 12.94 13.54
CA THR A 307 -3.12 12.16 14.30
C THR A 307 -4.51 12.80 14.22
N THR A 308 -5.54 11.96 14.14
CA THR A 308 -6.90 12.46 14.06
C THR A 308 -7.57 12.15 15.38
N ILE A 309 -7.91 13.19 16.14
CA ILE A 309 -8.53 13.01 17.45
C ILE A 309 -10.05 12.93 17.40
N ASP A 310 -10.74 14.05 17.29
CA ASP A 310 -12.20 13.97 17.21
C ASP A 310 -12.45 13.56 15.76
N ASN A 311 -12.31 14.54 14.89
CA ASN A 311 -12.46 14.35 13.45
C ASN A 311 -11.67 15.52 12.89
N LYS A 312 -10.87 16.09 13.78
CA LYS A 312 -10.01 17.21 13.46
C LYS A 312 -8.62 16.60 13.30
N GLN A 313 -7.73 17.28 12.58
CA GLN A 313 -6.39 16.77 12.37
C GLN A 313 -5.33 17.56 13.11
N TYR A 314 -4.41 16.83 13.72
CA TYR A 314 -3.32 17.45 14.46
C TYR A 314 -2.01 16.81 14.03
N SER A 315 -0.92 17.45 14.43
CA SER A 315 0.41 16.95 14.15
C SER A 315 1.08 17.06 15.51
N LEU A 316 1.84 16.04 15.89
CA LEU A 316 2.51 16.09 17.19
C LEU A 316 3.50 17.27 17.17
N GLY A 317 3.62 17.97 18.28
CA GLY A 317 4.54 19.10 18.35
C GLY A 317 4.75 19.53 19.78
N MET A 318 5.74 20.39 20.01
CA MET A 318 6.02 20.85 21.37
C MET A 318 5.03 21.92 21.82
N TYR A 319 4.80 21.96 23.13
CA TYR A 319 3.89 22.96 23.71
C TYR A 319 4.45 23.41 25.07
N LYS A 320 4.11 24.63 25.46
CA LYS A 320 4.59 25.17 26.74
C LYS A 320 3.83 24.49 27.86
N PRO A 321 4.54 23.89 28.82
CA PRO A 321 3.90 23.21 29.95
C PRO A 321 3.29 24.17 30.97
N SER A 322 2.24 23.74 31.68
CA SER A 322 1.62 24.58 32.69
C SER A 322 2.72 25.12 33.63
N ARG A 323 3.76 24.31 33.83
CA ARG A 323 4.86 24.71 34.68
C ARG A 323 6.15 24.03 34.23
N ASN A 324 7.28 24.56 34.70
CA ASN A 324 8.58 24.01 34.37
C ASN A 324 8.61 22.59 34.93
N LEU A 325 8.70 21.62 34.03
CA LEU A 325 8.72 20.21 34.41
C LEU A 325 10.15 19.80 34.67
N GLY A 326 11.08 20.53 34.07
CA GLY A 326 12.49 20.22 34.22
C GLY A 326 13.29 20.97 33.18
N THR A 327 14.61 21.01 33.34
CA THR A 327 15.47 21.72 32.40
C THR A 327 15.64 20.98 31.07
N ASP A 328 15.59 21.73 29.98
CA ASP A 328 15.76 21.16 28.64
C ASP A 328 14.70 20.06 28.40
N LEU A 329 13.56 20.23 29.06
CA LEU A 329 12.47 19.29 28.96
C LEU A 329 11.21 19.97 28.43
N VAL A 330 10.83 19.68 27.19
CA VAL A 330 9.60 20.27 26.71
C VAL A 330 8.70 19.19 26.14
N PRO A 331 7.46 19.11 26.66
CA PRO A 331 6.36 18.19 26.34
C PRO A 331 5.86 18.15 24.89
N LEU A 332 5.52 16.94 24.44
CA LEU A 332 5.01 16.72 23.09
C LEU A 332 3.47 16.52 23.12
N GLY A 333 2.76 17.24 22.26
CA GLY A 333 1.32 17.11 22.24
C GLY A 333 0.70 17.15 20.84
N ALA A 334 -0.62 17.11 20.81
CA ALA A 334 -1.35 17.15 19.55
C ALA A 334 -1.76 18.59 19.30
N LEU A 335 -1.06 19.25 18.37
CA LEU A 335 -1.33 20.62 18.04
C LEU A 335 -1.90 20.74 16.64
N ASP A 336 -2.55 21.86 16.37
CA ASP A 336 -3.11 22.15 15.06
C ASP A 336 -2.22 23.24 14.49
N GLN A 337 -1.05 22.86 13.96
CA GLN A 337 -0.16 23.87 13.42
C GLN A 337 0.07 23.85 11.93
N PRO A 338 0.41 25.02 11.36
CA PRO A 338 0.69 25.21 9.93
C PRO A 338 1.96 24.49 9.52
N MET A 339 2.07 24.22 8.23
CA MET A 339 3.22 23.51 7.70
C MET A 339 4.58 24.15 8.02
N ASP A 340 4.66 25.48 8.05
CA ASP A 340 5.96 26.11 8.35
C ASP A 340 6.42 25.99 9.81
N GLU A 341 5.47 25.88 10.73
CA GLU A 341 5.78 25.73 12.14
C GLU A 341 6.28 24.32 12.41
N ILE A 342 5.79 23.36 11.63
CA ILE A 342 6.22 21.97 11.75
C ILE A 342 7.66 21.86 11.25
N ARG A 343 7.96 22.65 10.23
CA ARG A 343 9.28 22.67 9.62
C ARG A 343 10.35 23.13 10.60
N LYS A 344 10.04 24.15 11.39
CA LYS A 344 11.01 24.69 12.32
C LYS A 344 11.30 23.82 13.53
N TYR A 345 10.24 23.31 14.16
CA TYR A 345 10.38 22.48 15.36
C TYR A 345 9.39 21.34 15.49
N GLY A 346 8.78 20.91 14.39
CA GLY A 346 7.81 19.84 14.47
C GLY A 346 8.20 18.56 13.75
N SER A 347 9.39 18.54 13.17
CA SER A 347 9.87 17.39 12.44
C SER A 347 10.86 16.57 13.27
N PHE A 348 10.99 15.30 12.90
CA PHE A 348 11.92 14.40 13.58
C PHE A 348 12.77 13.61 12.59
N ILE A 349 13.96 13.25 13.06
CA ILE A 349 14.90 12.46 12.28
C ILE A 349 14.79 11.09 12.94
N ILE A 350 14.34 10.08 12.20
CA ILE A 350 14.19 8.75 12.78
C ILE A 350 15.47 7.95 12.67
N GLN A 351 15.63 6.94 13.51
CA GLN A 351 16.82 6.14 13.48
C GLN A 351 16.45 4.72 13.89
N PRO A 352 16.64 3.73 13.00
CA PRO A 352 16.25 2.39 13.46
C PRO A 352 16.99 1.98 14.73
N CYS A 353 16.30 1.21 15.56
CA CYS A 353 16.84 0.75 16.84
C CYS A 353 16.24 -0.61 17.20
N ASN A 354 16.88 -1.69 16.79
CA ASN A 354 16.38 -3.03 17.05
C ASN A 354 17.21 -3.79 18.07
N THR A 355 16.57 -4.68 18.81
CA THR A 355 17.25 -5.48 19.81
C THR A 355 16.63 -6.85 19.73
N PHE A 356 17.16 -7.81 20.48
CA PHE A 356 16.61 -9.17 20.47
C PHE A 356 15.14 -9.12 20.84
N ASP A 357 14.79 -8.27 21.79
CA ASP A 357 13.43 -8.17 22.24
C ASP A 357 12.39 -7.48 21.37
N TYR A 358 12.79 -6.45 20.62
CA TYR A 358 11.80 -5.75 19.82
C TYR A 358 12.37 -4.93 18.67
N TYR A 359 11.48 -4.56 17.75
CA TYR A 359 11.80 -3.74 16.59
C TYR A 359 11.33 -2.33 16.96
N ALA A 360 12.27 -1.44 17.30
CA ALA A 360 11.87 -0.08 17.67
C ALA A 360 12.61 0.98 16.87
N SER A 361 12.64 2.19 17.42
CA SER A 361 13.32 3.30 16.77
C SER A 361 13.47 4.47 17.73
N GLN A 362 14.46 5.32 17.45
CA GLN A 362 14.71 6.52 18.24
C GLN A 362 14.37 7.70 17.35
N LEU A 363 13.76 8.73 17.94
CA LEU A 363 13.36 9.91 17.20
C LEU A 363 14.04 11.16 17.76
N PHE A 364 14.75 11.87 16.90
CA PHE A 364 15.46 13.08 17.31
C PHE A 364 14.78 14.32 16.76
N LEU A 365 14.65 15.34 17.61
CA LEU A 365 14.02 16.58 17.17
C LEU A 365 14.88 17.17 16.06
N SER A 366 14.24 17.50 14.94
CA SER A 366 14.94 18.06 13.79
C SER A 366 14.94 19.58 13.73
N SER A 367 16.06 20.15 13.31
CA SER A 367 16.15 21.59 13.18
C SER A 367 15.81 21.97 11.74
N ASN A 368 14.64 22.59 11.56
CA ASN A 368 14.19 23.03 10.24
C ASN A 368 13.96 21.96 9.16
N ALA A 369 13.53 20.77 9.57
CA ALA A 369 13.29 19.67 8.64
C ALA A 369 14.56 19.14 8.02
N THR A 370 15.70 19.38 8.67
CA THR A 370 16.98 18.89 8.18
C THR A 370 17.43 17.75 9.10
N THR A 371 18.60 17.16 8.81
CA THR A 371 19.07 16.07 9.65
C THR A 371 19.82 16.54 10.88
N ASN A 372 19.74 17.84 11.16
CA ASN A 372 20.40 18.44 12.31
C ASN A 372 19.58 18.17 13.60
N ARG A 373 20.13 17.39 14.53
CA ARG A 373 19.43 17.03 15.76
C ARG A 373 19.46 18.05 16.90
N LEU A 374 18.28 18.34 17.48
CA LEU A 374 18.17 19.29 18.57
C LEU A 374 17.80 18.65 19.90
N GLY A 375 17.49 17.37 19.88
CA GLY A 375 17.10 16.68 21.10
C GLY A 375 16.57 15.30 20.79
N ILE A 376 16.24 14.54 21.82
CA ILE A 376 15.73 13.19 21.63
C ILE A 376 14.35 13.01 22.26
N LEU A 377 13.51 12.19 21.64
CA LEU A 377 12.16 11.93 22.15
C LEU A 377 12.17 10.81 23.19
N SER A 378 11.95 11.18 24.44
CA SER A 378 11.94 10.23 25.54
C SER A 378 10.53 10.19 26.13
N ILE A 379 10.44 9.79 27.39
CA ILE A 379 9.14 9.69 28.03
C ILE A 379 9.25 9.94 29.52
N GLY A 380 8.20 10.53 30.11
CA GLY A 380 8.21 10.79 31.53
C GLY A 380 6.86 11.03 32.16
N SER A 381 6.85 10.94 33.48
CA SER A 381 5.65 11.15 34.26
C SER A 381 5.82 12.42 35.08
N TYR A 382 4.94 13.40 34.87
CA TYR A 382 5.04 14.64 35.61
C TYR A 382 3.73 15.08 36.24
N SER A 383 3.85 15.84 37.33
CA SER A 383 2.70 16.34 38.06
C SER A 383 2.50 17.80 37.71
N PHE A 384 1.57 18.08 36.81
CA PHE A 384 1.29 19.46 36.39
C PHE A 384 -0.12 19.59 35.85
N ARG A 385 -0.49 20.81 35.45
CA ARG A 385 -1.82 21.09 34.91
C ARG A 385 -1.93 21.02 33.39
N LEU A 386 -2.95 20.32 32.91
CA LEU A 386 -3.22 20.18 31.48
C LEU A 386 -4.67 20.53 31.20
N GLY A 387 -4.92 21.06 30.00
CA GLY A 387 -6.28 21.42 29.64
C GLY A 387 -6.86 22.43 30.62
N GLY A 388 -8.04 22.13 31.14
CA GLY A 388 -8.67 23.03 32.08
C GLY A 388 -8.55 22.62 33.54
N ASP A 389 -7.52 21.84 33.86
CA ASP A 389 -7.30 21.40 35.24
C ASP A 389 -7.25 22.53 36.26
N TRP A 390 -7.86 22.29 37.42
CA TRP A 390 -7.80 23.27 38.49
C TRP A 390 -6.58 22.86 39.30
N TYR A 391 -6.48 21.57 39.59
CA TYR A 391 -5.35 21.01 40.32
C TYR A 391 -4.41 20.34 39.34
N ARG A 392 -3.19 20.10 39.78
CA ARG A 392 -2.20 19.42 38.97
C ARG A 392 -2.56 17.93 39.04
N HIS A 393 -2.07 17.15 38.08
CA HIS A 393 -2.36 15.73 38.06
C HIS A 393 -1.14 14.97 37.55
N GLU A 394 -1.10 13.66 37.78
CA GLU A 394 0.01 12.84 37.31
C GLU A 394 -0.23 12.39 35.88
N TYR A 395 0.51 12.96 34.94
CA TYR A 395 0.38 12.61 33.53
C TYR A 395 1.64 11.94 32.97
N LEU A 396 1.50 10.80 32.30
CA LEU A 396 2.65 10.13 31.71
C LEU A 396 2.65 10.65 30.29
N ILE A 397 3.66 11.43 29.95
CA ILE A 397 3.72 12.03 28.63
C ILE A 397 4.99 11.80 27.85
N PRO A 398 4.91 12.00 26.53
CA PRO A 398 6.10 11.84 25.70
C PRO A 398 6.75 13.23 25.80
N VAL A 399 7.99 13.28 26.27
CA VAL A 399 8.67 14.54 26.42
C VAL A 399 9.98 14.54 25.64
N ILE A 400 10.37 15.68 25.11
CA ILE A 400 11.62 15.81 24.35
C ILE A 400 12.71 16.36 25.27
N LYS A 401 13.92 15.81 25.18
CA LYS A 401 15.07 16.30 25.95
C LYS A 401 15.80 17.11 24.90
N ILE A 402 15.72 18.43 25.02
CA ILE A 402 16.32 19.28 24.03
C ILE A 402 17.68 19.78 24.46
N GLU A 403 18.55 19.77 23.47
CA GLU A 403 19.94 20.24 23.51
C GLU A 403 21.05 19.69 24.44
N HIS A 404 20.75 18.67 25.22
CA HIS A 404 21.69 18.01 26.17
C HIS A 404 20.93 16.74 26.50
N TYR A 405 21.07 15.74 25.63
CA TYR A 405 20.37 14.48 25.76
C TYR A 405 21.31 13.28 25.58
N ALA A 406 22.60 13.50 25.80
CA ALA A 406 23.57 12.43 25.64
C ALA A 406 23.32 11.31 26.66
N SER A 407 22.62 11.65 27.74
CA SER A 407 22.32 10.69 28.79
C SER A 407 21.17 9.72 28.46
N LEU A 408 20.31 10.12 27.53
CA LEU A 408 19.17 9.30 27.13
C LEU A 408 19.46 8.45 25.89
N LEU A 409 20.52 8.78 25.17
CA LEU A 409 20.87 8.03 23.97
C LEU A 409 20.87 6.50 24.16
N GLU A 410 21.26 6.03 25.34
CA GLU A 410 21.29 4.60 25.62
C GLU A 410 20.15 4.15 26.52
N SER A 411 19.15 5.01 26.67
CA SER A 411 17.99 4.70 27.50
C SER A 411 16.90 4.03 26.68
N THR A 412 16.37 2.93 27.20
CA THR A 412 15.31 2.21 26.51
C THR A 412 14.02 3.02 26.53
N SER A 413 14.05 4.16 27.21
CA SER A 413 12.87 5.01 27.29
C SER A 413 12.81 5.88 26.04
N THR A 414 13.81 5.74 25.17
CA THR A 414 13.82 6.51 23.93
C THR A 414 13.48 5.60 22.74
N HIS A 415 13.12 4.37 23.03
CA HIS A 415 12.75 3.41 22.00
C HIS A 415 11.25 3.41 21.78
N TRP A 416 10.85 3.62 20.53
CA TRP A 416 9.43 3.64 20.18
C TRP A 416 9.11 2.61 19.11
N VAL A 417 7.99 1.93 19.28
CA VAL A 417 7.57 0.92 18.31
C VAL A 417 6.29 1.42 17.67
N PHE A 418 5.96 0.85 16.51
CA PHE A 418 4.75 1.20 15.80
C PHE A 418 4.04 -0.10 15.50
N VAL A 419 2.79 -0.20 15.95
CA VAL A 419 1.96 -1.39 15.73
C VAL A 419 0.88 -1.00 14.74
N PRO A 420 0.87 -1.61 13.54
CA PRO A 420 -0.19 -1.22 12.59
C PRO A 420 -1.61 -1.30 13.12
N ALA A 421 -2.29 -0.16 13.15
CA ALA A 421 -3.66 -0.10 13.62
C ALA A 421 -4.56 -0.50 12.47
N SER A 422 -3.91 -0.90 11.38
CA SER A 422 -4.56 -1.31 10.12
C SER A 422 -5.98 -0.77 9.98
N SER B 2 1.37 14.64 -34.66
CA SER B 2 2.63 14.53 -35.46
C SER B 2 3.53 13.44 -34.90
N ILE B 3 3.09 12.86 -33.79
CA ILE B 3 3.82 11.78 -33.14
C ILE B 3 3.37 10.49 -33.82
N ASN B 4 2.25 10.58 -34.54
CA ASN B 4 1.67 9.47 -35.30
C ASN B 4 2.57 9.04 -36.44
N ASP B 5 3.51 9.92 -36.80
CA ASP B 5 4.45 9.65 -37.87
C ASP B 5 5.30 8.42 -37.57
N SER B 6 5.16 7.89 -36.35
CA SER B 6 5.93 6.72 -35.95
C SER B 6 5.05 5.56 -35.47
N LYS B 7 3.73 5.72 -35.61
CA LYS B 7 2.79 4.70 -35.19
C LYS B 7 2.83 3.50 -36.14
N ILE B 8 3.23 2.35 -35.60
CA ILE B 8 3.32 1.14 -36.42
C ILE B 8 2.35 0.03 -36.02
N LEU B 9 1.47 0.31 -35.06
CA LEU B 9 0.44 -0.62 -34.59
C LEU B 9 -0.55 0.21 -33.78
N SER B 10 -1.82 0.12 -34.17
CA SER B 10 -2.88 0.88 -33.53
C SER B 10 -4.13 0.01 -33.37
N LEU B 11 -4.27 -0.64 -32.21
CA LEU B 11 -5.42 -1.50 -31.91
C LEU B 11 -6.65 -0.66 -31.52
N GLN B 12 -7.68 -0.64 -32.37
CA GLN B 12 -8.87 0.14 -32.09
C GLN B 12 -10.15 -0.56 -32.50
N ASN B 13 -11.26 -0.08 -31.95
CA ASN B 13 -12.56 -0.64 -32.24
C ASN B 13 -13.24 0.20 -33.30
N LYS B 14 -12.98 -0.13 -34.55
CA LYS B 14 -13.58 0.58 -35.67
C LYS B 14 -14.85 -0.15 -36.12
N LYS B 15 -15.97 0.55 -36.03
CA LYS B 15 -17.27 -0.02 -36.41
C LYS B 15 -17.53 -1.37 -35.77
N ASN B 16 -17.46 -1.38 -34.43
CA ASN B 16 -17.67 -2.55 -33.61
C ASN B 16 -16.89 -3.79 -34.04
N THR B 17 -15.59 -3.59 -34.27
CA THR B 17 -14.68 -4.67 -34.67
C THR B 17 -13.27 -4.22 -34.33
N LEU B 18 -12.57 -4.99 -33.50
CA LEU B 18 -11.20 -4.65 -33.13
C LEU B 18 -10.25 -4.96 -34.31
N MET B 19 -9.43 -3.98 -34.68
CA MET B 19 -8.50 -4.15 -35.79
C MET B 19 -7.31 -3.21 -35.66
N ASP B 20 -6.27 -3.49 -36.44
CA ASP B 20 -5.05 -2.67 -36.46
C ASP B 20 -5.24 -1.62 -37.54
N THR B 21 -5.43 -0.37 -37.12
CA THR B 21 -5.65 0.73 -38.06
C THR B 21 -4.40 1.55 -38.39
N SER B 22 -3.22 0.95 -38.30
CA SER B 22 -1.99 1.69 -38.59
C SER B 22 -1.56 1.68 -40.06
N GLY B 23 -2.02 0.68 -40.81
CA GLY B 23 -1.64 0.58 -42.21
C GLY B 23 -0.68 -0.59 -42.44
N TYR B 24 -0.25 -1.22 -41.34
CA TYR B 24 0.65 -2.37 -41.42
C TYR B 24 -0.18 -3.63 -41.19
N ASN B 25 -1.48 -3.42 -41.10
CA ASN B 25 -2.43 -4.51 -40.98
C ASN B 25 -2.01 -5.72 -40.16
N ALA B 26 -1.71 -5.52 -38.87
CA ALA B 26 -1.39 -6.67 -38.04
C ALA B 26 -2.76 -7.35 -37.88
N GLU B 27 -2.81 -8.67 -37.87
CA GLU B 27 -4.08 -9.36 -37.73
C GLU B 27 -4.59 -9.32 -36.28
N VAL B 28 -5.91 -9.21 -36.12
CA VAL B 28 -6.53 -9.18 -34.79
C VAL B 28 -7.63 -10.24 -34.70
N ARG B 29 -7.53 -11.11 -33.70
CA ARG B 29 -8.52 -12.16 -33.48
C ARG B 29 -9.10 -11.99 -32.09
N VAL B 30 -10.39 -12.26 -31.96
CA VAL B 30 -11.05 -12.15 -30.67
C VAL B 30 -11.69 -13.50 -30.31
N GLU B 31 -11.68 -13.84 -29.02
CA GLU B 31 -12.25 -15.09 -28.54
C GLU B 31 -12.91 -14.82 -27.19
N GLY B 32 -13.70 -15.77 -26.71
CA GLY B 32 -14.35 -15.60 -25.44
C GLY B 32 -15.21 -14.36 -25.30
N ASN B 33 -15.45 -13.96 -24.07
CA ASN B 33 -16.29 -12.81 -23.76
C ASN B 33 -15.54 -11.49 -23.77
N VAL B 34 -15.55 -10.83 -24.93
CA VAL B 34 -14.89 -9.55 -25.10
C VAL B 34 -15.95 -8.54 -25.54
N GLN B 35 -16.35 -7.64 -24.63
CA GLN B 35 -17.36 -6.64 -24.95
C GLN B 35 -16.77 -5.34 -25.49
N LEU B 36 -17.30 -4.85 -26.61
CA LEU B 36 -16.82 -3.62 -27.21
C LEU B 36 -17.79 -2.48 -26.95
N ASN B 37 -17.25 -1.34 -26.52
CA ASN B 37 -18.05 -0.16 -26.24
C ASN B 37 -18.42 0.50 -27.58
N PRO B 38 -19.72 0.53 -27.92
CA PRO B 38 -20.16 1.14 -29.17
C PRO B 38 -20.08 2.65 -29.13
N ILE B 39 -19.72 3.19 -27.97
CA ILE B 39 -19.60 4.64 -27.84
C ILE B 39 -18.24 4.97 -27.26
N PHE B 40 -17.77 6.19 -27.51
CA PHE B 40 -16.46 6.60 -27.02
C PHE B 40 -16.22 6.22 -25.55
N PRO B 41 -15.00 5.76 -25.21
CA PRO B 41 -13.86 5.57 -26.12
C PRO B 41 -13.71 4.30 -26.99
N PHE B 42 -14.82 3.64 -27.30
CA PHE B 42 -14.82 2.37 -28.01
C PHE B 42 -13.83 1.36 -27.43
N ASP B 43 -13.81 1.30 -26.10
CA ASP B 43 -12.94 0.42 -25.34
C ASP B 43 -13.43 -1.01 -25.37
N PHE B 44 -12.52 -1.95 -25.15
CA PHE B 44 -12.91 -3.34 -25.12
C PHE B 44 -12.63 -3.87 -23.71
N LYS B 45 -13.58 -4.64 -23.20
CA LYS B 45 -13.50 -5.19 -21.84
C LYS B 45 -13.23 -6.68 -21.76
N LEU B 46 -12.28 -7.06 -20.92
CA LEU B 46 -11.94 -8.47 -20.72
C LEU B 46 -12.21 -8.80 -19.26
N GLY B 47 -12.43 -10.08 -18.97
CA GLY B 47 -12.68 -10.50 -17.61
C GLY B 47 -11.64 -11.53 -17.19
N SER B 48 -11.51 -11.75 -15.88
CA SER B 48 -10.54 -12.71 -15.36
C SER B 48 -11.13 -14.08 -15.00
N SER B 49 -12.44 -14.13 -14.82
CA SER B 49 -13.08 -15.39 -14.44
C SER B 49 -13.75 -16.12 -15.61
N GLY B 50 -13.93 -17.42 -15.44
CA GLY B 50 -14.56 -18.23 -16.46
C GLY B 50 -13.59 -18.58 -17.57
N ASP B 51 -13.89 -19.62 -18.33
CA ASP B 51 -13.00 -20.00 -19.42
C ASP B 51 -13.48 -19.37 -20.70
N ASP B 52 -14.57 -18.63 -20.58
CA ASP B 52 -15.16 -17.89 -21.69
C ASP B 52 -14.57 -16.49 -21.55
N ARG B 53 -13.61 -16.33 -20.65
CA ARG B 53 -13.03 -15.00 -20.45
C ARG B 53 -12.36 -14.54 -21.73
N GLY B 54 -12.67 -13.31 -22.10
CA GLY B 54 -12.15 -12.72 -23.31
C GLY B 54 -10.66 -12.88 -23.57
N LYS B 55 -10.34 -12.90 -24.85
CA LYS B 55 -8.97 -13.04 -25.29
C LYS B 55 -8.85 -12.34 -26.64
N VAL B 56 -7.88 -11.44 -26.76
CA VAL B 56 -7.66 -10.72 -27.99
C VAL B 56 -6.22 -10.95 -28.44
N ILE B 57 -6.04 -11.74 -29.49
CA ILE B 57 -4.71 -12.03 -29.99
C ILE B 57 -4.41 -11.13 -31.18
N VAL B 58 -3.30 -10.41 -31.12
CA VAL B 58 -2.89 -9.53 -32.21
C VAL B 58 -1.62 -10.14 -32.76
N THR B 59 -1.64 -10.48 -34.05
CA THR B 59 -0.48 -11.08 -34.67
C THR B 59 0.05 -10.26 -35.82
N GLN B 60 1.27 -9.75 -35.67
CA GLN B 60 1.89 -8.95 -36.72
C GLN B 60 2.55 -9.87 -37.74
N ASN B 61 2.48 -9.50 -39.02
CA ASN B 61 3.08 -10.35 -40.05
C ASN B 61 4.59 -10.16 -40.15
N GLU B 62 5.16 -10.67 -41.24
CA GLU B 62 6.59 -10.59 -41.44
C GLU B 62 7.04 -9.24 -41.96
N ASN B 63 6.18 -8.22 -41.81
CA ASN B 63 6.48 -6.88 -42.27
C ASN B 63 7.79 -6.43 -41.63
N ILE B 64 8.69 -5.94 -42.48
CA ILE B 64 10.02 -5.49 -42.07
C ILE B 64 9.99 -4.36 -41.03
N VAL B 65 8.90 -3.59 -41.01
CA VAL B 65 8.77 -2.46 -40.09
C VAL B 65 9.00 -2.83 -38.62
N TYR B 66 8.53 -4.01 -38.23
CA TYR B 66 8.64 -4.47 -36.85
C TYR B 66 10.07 -4.63 -36.29
N ASN B 67 11.06 -4.62 -37.18
CA ASN B 67 12.46 -4.76 -36.77
C ASN B 67 12.84 -3.61 -35.84
N ALA B 68 12.11 -2.51 -35.96
CA ALA B 68 12.35 -1.33 -35.14
C ALA B 68 12.38 -1.72 -33.66
N MET B 69 11.67 -2.79 -33.30
CA MET B 69 11.62 -3.30 -31.94
C MET B 69 13.00 -3.45 -31.31
N TYR B 70 13.95 -3.87 -32.14
CA TYR B 70 15.32 -4.08 -31.71
C TYR B 70 16.14 -2.79 -31.62
N GLU B 71 15.51 -1.67 -31.89
CA GLU B 71 16.19 -0.39 -31.82
C GLU B 71 15.53 0.47 -30.72
N SER B 72 14.37 1.04 -31.04
CA SER B 72 13.62 1.85 -30.09
C SER B 72 12.15 1.72 -30.37
N PHE B 73 11.36 1.69 -29.31
CA PHE B 73 9.92 1.57 -29.46
C PHE B 73 9.21 2.08 -28.22
N SER B 74 7.94 2.44 -28.37
CA SER B 74 7.13 2.90 -27.27
C SER B 74 5.78 2.20 -27.36
N ILE B 75 5.19 1.92 -26.20
CA ILE B 75 3.88 1.27 -26.13
C ILE B 75 2.96 2.19 -25.33
N SER B 76 1.77 2.50 -25.86
CA SER B 76 0.84 3.37 -25.15
C SER B 76 -0.58 2.81 -25.15
N PHE B 77 -1.34 3.13 -24.11
CA PHE B 77 -2.71 2.66 -24.00
C PHE B 77 -3.40 3.17 -22.76
N TRP B 78 -4.73 3.23 -22.84
CA TRP B 78 -5.52 3.64 -21.71
C TRP B 78 -5.99 2.33 -21.12
N ILE B 79 -5.94 2.24 -19.80
CA ILE B 79 -6.38 1.06 -19.11
C ILE B 79 -7.15 1.45 -17.86
N ARG B 80 -8.03 0.55 -17.44
CA ARG B 80 -8.84 0.76 -16.26
C ARG B 80 -9.08 -0.62 -15.67
N ILE B 81 -8.72 -0.79 -14.40
CA ILE B 81 -8.92 -2.07 -13.72
C ILE B 81 -9.97 -1.92 -12.63
N ASN B 82 -11.01 -2.74 -12.69
CA ASN B 82 -12.06 -2.63 -11.70
C ASN B 82 -11.90 -3.70 -10.64
N LYS B 83 -11.98 -3.22 -9.41
CA LYS B 83 -11.80 -4.03 -8.22
C LYS B 83 -10.28 -4.16 -8.04
N TRP B 84 -9.53 -3.12 -8.37
CA TRP B 84 -8.07 -3.18 -8.24
C TRP B 84 -7.64 -2.91 -6.80
N VAL B 85 -7.88 -3.89 -5.93
CA VAL B 85 -7.55 -3.79 -4.52
C VAL B 85 -6.03 -3.90 -4.33
N SER B 86 -5.53 -3.29 -3.26
CA SER B 86 -4.10 -3.27 -2.97
C SER B 86 -3.41 -4.63 -2.82
N ASN B 87 -4.16 -5.68 -2.53
CA ASN B 87 -3.56 -7.00 -2.38
C ASN B 87 -4.06 -7.92 -3.48
N LEU B 88 -4.23 -7.36 -4.66
CA LEU B 88 -4.72 -8.12 -5.80
C LEU B 88 -3.76 -9.21 -6.25
N PRO B 89 -4.29 -10.44 -6.46
CA PRO B 89 -3.43 -11.53 -6.90
C PRO B 89 -2.76 -11.21 -8.24
N GLY B 90 -1.65 -11.89 -8.52
CA GLY B 90 -0.95 -11.65 -9.77
C GLY B 90 -1.77 -11.98 -11.01
N TYR B 91 -1.58 -11.20 -12.06
CA TYR B 91 -2.29 -11.38 -13.32
C TYR B 91 -1.47 -10.88 -14.51
N THR B 92 -1.24 -11.73 -15.49
CA THR B 92 -0.54 -11.28 -16.68
C THR B 92 -1.72 -10.76 -17.50
N ILE B 93 -1.64 -9.52 -17.99
CA ILE B 93 -2.75 -8.97 -18.76
C ILE B 93 -2.49 -8.69 -20.25
N ILE B 94 -1.23 -8.46 -20.59
CA ILE B 94 -0.86 -8.20 -21.98
C ILE B 94 0.48 -8.88 -22.20
N ASP B 95 0.45 -10.05 -22.84
CA ASP B 95 1.68 -10.80 -23.06
C ASP B 95 2.19 -10.86 -24.50
N SER B 96 3.51 -10.78 -24.64
CA SER B 96 4.16 -10.86 -25.93
C SER B 96 5.51 -11.58 -25.77
N VAL B 97 5.47 -12.71 -25.08
CA VAL B 97 6.65 -13.52 -24.86
C VAL B 97 6.41 -14.81 -25.64
N LYS B 98 7.35 -15.15 -26.52
CA LYS B 98 7.20 -16.34 -27.33
C LYS B 98 7.97 -17.52 -26.77
N ASN B 99 9.28 -17.55 -26.97
CA ASN B 99 10.04 -18.67 -26.43
C ASN B 99 10.89 -18.14 -25.29
N ASN B 100 10.20 -17.77 -24.21
CA ASN B 100 10.83 -17.20 -23.04
C ASN B 100 11.58 -15.93 -23.42
N SER B 101 11.03 -15.19 -24.38
CA SER B 101 11.66 -13.96 -24.81
C SER B 101 10.62 -12.94 -25.29
N GLY B 102 10.97 -11.66 -25.15
CA GLY B 102 10.08 -10.59 -25.56
C GLY B 102 9.72 -9.67 -24.40
N TRP B 103 8.45 -9.31 -24.29
CA TRP B 103 8.01 -8.44 -23.21
C TRP B 103 6.60 -8.79 -22.75
N SER B 104 6.26 -8.42 -21.51
CA SER B 104 4.94 -8.72 -20.96
C SER B 104 4.49 -7.66 -19.96
N ILE B 105 3.18 -7.56 -19.74
CA ILE B 105 2.64 -6.61 -18.79
C ILE B 105 1.66 -7.31 -17.84
N GLY B 106 1.86 -7.14 -16.54
CA GLY B 106 0.98 -7.78 -15.57
C GLY B 106 0.72 -6.91 -14.35
N ILE B 107 -0.29 -7.26 -13.57
CA ILE B 107 -0.61 -6.51 -12.35
C ILE B 107 -0.61 -7.46 -11.16
N ILE B 108 -0.25 -6.94 -10.00
CA ILE B 108 -0.19 -7.74 -8.77
C ILE B 108 -0.10 -6.73 -7.64
N SER B 109 -0.81 -7.00 -6.55
CA SER B 109 -0.82 -6.07 -5.44
C SER B 109 -1.19 -4.73 -6.06
N ASN B 110 -0.53 -3.67 -5.64
CA ASN B 110 -0.82 -2.35 -6.21
C ASN B 110 0.20 -1.98 -7.30
N PHE B 111 0.76 -2.98 -7.98
CA PHE B 111 1.74 -2.71 -9.03
C PHE B 111 1.31 -3.08 -10.46
N LEU B 112 1.68 -2.22 -11.41
CA LEU B 112 1.45 -2.44 -12.84
C LEU B 112 2.91 -2.51 -13.33
N VAL B 113 3.38 -3.70 -13.67
CA VAL B 113 4.77 -3.84 -14.08
C VAL B 113 5.02 -4.32 -15.51
N PHE B 114 5.96 -3.65 -16.17
CA PHE B 114 6.37 -3.99 -17.54
C PHE B 114 7.67 -4.79 -17.53
N THR B 115 7.64 -5.98 -18.13
CA THR B 115 8.83 -6.82 -18.14
C THR B 115 9.48 -7.03 -19.51
N LEU B 116 10.80 -6.82 -19.57
CA LEU B 116 11.56 -7.02 -20.81
C LEU B 116 12.35 -8.32 -20.63
N LYS B 117 11.84 -9.41 -21.20
CA LYS B 117 12.46 -10.74 -21.06
C LYS B 117 13.51 -11.11 -22.09
N GLN B 118 14.78 -11.02 -21.72
CA GLN B 118 15.88 -11.38 -22.63
C GLN B 118 15.77 -12.87 -22.95
N ASN B 119 15.71 -13.69 -21.91
CA ASN B 119 15.58 -15.15 -22.05
C ASN B 119 15.03 -15.75 -20.76
N GLU B 120 15.04 -17.08 -20.66
CA GLU B 120 14.49 -17.76 -19.47
C GLU B 120 15.22 -17.45 -18.16
N ASN B 121 16.41 -16.87 -18.27
CA ASN B 121 17.18 -16.51 -17.08
C ASN B 121 17.13 -14.99 -16.91
N SER B 122 17.81 -14.28 -17.80
CA SER B 122 17.83 -12.82 -17.79
C SER B 122 16.42 -12.24 -17.94
N GLU B 123 16.15 -11.17 -17.22
CA GLU B 123 14.83 -10.55 -17.26
C GLU B 123 14.85 -9.23 -16.48
N GLN B 124 14.53 -8.13 -17.15
CA GLN B 124 14.49 -6.82 -16.51
C GLN B 124 13.05 -6.31 -16.40
N ASP B 125 12.79 -5.43 -15.46
CA ASP B 125 11.44 -4.87 -15.37
C ASP B 125 11.28 -3.64 -14.49
N ILE B 126 10.40 -2.76 -14.94
CA ILE B 126 10.09 -1.52 -14.26
C ILE B 126 8.63 -1.58 -13.83
N ASN B 127 8.19 -0.59 -13.06
CA ASN B 127 6.81 -0.64 -12.59
C ASN B 127 6.24 0.65 -12.05
N PHE B 128 4.93 0.60 -11.88
CA PHE B 128 4.16 1.69 -11.33
C PHE B 128 3.42 1.10 -10.12
N SER B 129 3.47 1.81 -9.02
CA SER B 129 2.76 1.38 -7.81
C SER B 129 1.81 2.51 -7.49
N TYR B 130 0.52 2.20 -7.44
CA TYR B 130 -0.44 3.25 -7.14
C TYR B 130 -0.44 3.59 -5.65
N ASP B 131 -0.70 4.85 -5.33
CA ASP B 131 -0.70 5.25 -3.94
C ASP B 131 -1.88 4.61 -3.20
N ILE B 132 -1.58 3.62 -2.37
CA ILE B 132 -2.61 2.91 -1.63
C ILE B 132 -3.45 3.84 -0.76
N SER B 133 -2.80 4.57 0.15
CA SER B 133 -3.51 5.46 1.04
C SER B 133 -4.52 6.36 0.31
N LYS B 134 -4.21 6.70 -0.94
CA LYS B 134 -5.09 7.56 -1.73
C LYS B 134 -6.13 6.78 -2.53
N ASN B 135 -6.18 5.47 -2.34
CA ASN B 135 -7.12 4.63 -3.07
C ASN B 135 -7.61 3.44 -2.26
N ALA B 136 -8.21 3.71 -1.11
CA ALA B 136 -8.72 2.65 -0.25
C ALA B 136 -9.81 1.84 -0.94
N ALA B 137 -10.58 2.51 -1.80
CA ALA B 137 -11.65 1.87 -2.55
C ALA B 137 -11.10 1.07 -3.72
N GLY B 138 -9.80 1.23 -3.98
CA GLY B 138 -9.16 0.52 -5.07
C GLY B 138 -8.83 1.49 -6.17
N TYR B 139 -7.76 1.22 -6.92
CA TYR B 139 -7.35 2.09 -8.02
C TYR B 139 -8.15 1.66 -9.24
N ASN B 140 -9.41 2.10 -9.30
CA ASN B 140 -10.32 1.73 -10.37
C ASN B 140 -10.58 2.78 -11.42
N LYS B 141 -9.65 3.73 -11.54
CA LYS B 141 -9.76 4.82 -12.52
C LYS B 141 -8.97 4.54 -13.80
N TRP B 142 -9.33 5.25 -14.87
CA TRP B 142 -8.64 5.10 -16.14
C TRP B 142 -7.30 5.79 -16.01
N PHE B 143 -6.25 5.17 -16.55
CA PHE B 143 -4.94 5.80 -16.52
C PHE B 143 -4.23 5.50 -17.83
N PHE B 144 -3.43 6.45 -18.29
CA PHE B 144 -2.72 6.30 -19.55
C PHE B 144 -1.28 5.84 -19.33
N VAL B 145 -0.97 4.66 -19.85
CA VAL B 145 0.37 4.09 -19.72
C VAL B 145 1.22 4.44 -20.94
N THR B 146 2.51 4.61 -20.72
CA THR B 146 3.44 4.88 -21.81
C THR B 146 4.76 4.22 -21.43
N ILE B 147 5.22 3.29 -22.27
CA ILE B 147 6.45 2.58 -22.00
C ILE B 147 7.40 2.83 -23.16
N THR B 148 8.48 3.56 -22.90
CA THR B 148 9.46 3.84 -23.94
C THR B 148 10.69 2.96 -23.72
N THR B 149 11.23 2.41 -24.80
CA THR B 149 12.38 1.53 -24.69
C THR B 149 13.47 1.75 -25.73
N ASN B 150 14.67 2.05 -25.27
CA ASN B 150 15.83 2.24 -26.14
C ASN B 150 16.72 1.03 -25.87
N MET B 151 16.89 0.15 -26.83
CA MET B 151 17.73 -1.03 -26.60
C MET B 151 19.19 -0.67 -26.36
N MET B 152 19.53 0.59 -26.58
CA MET B 152 20.89 1.08 -26.34
C MET B 152 20.83 2.16 -25.28
N GLY B 153 19.65 2.29 -24.67
CA GLY B 153 19.47 3.30 -23.65
C GLY B 153 18.64 2.82 -22.47
N ASN B 154 17.63 3.61 -22.12
CA ASN B 154 16.79 3.28 -20.97
C ASN B 154 15.44 2.63 -21.27
N MET B 155 14.83 2.16 -20.18
CA MET B 155 13.53 1.50 -20.18
C MET B 155 12.67 2.29 -19.19
N MET B 156 11.88 3.25 -19.69
CA MET B 156 11.05 4.06 -18.82
C MET B 156 9.54 3.82 -18.95
N ILE B 157 8.82 4.06 -17.85
CA ILE B 157 7.37 3.92 -17.81
C ILE B 157 6.71 5.20 -17.27
N TYR B 158 5.69 5.67 -17.98
CA TYR B 158 4.97 6.89 -17.60
C TYR B 158 3.49 6.60 -17.32
N ILE B 159 2.92 7.32 -16.36
CA ILE B 159 1.51 7.18 -16.03
C ILE B 159 0.92 8.59 -16.09
N ASN B 160 -0.12 8.76 -16.90
CA ASN B 160 -0.76 10.05 -17.08
C ASN B 160 0.24 11.17 -17.38
N GLY B 161 1.18 10.88 -18.28
CA GLY B 161 2.19 11.87 -18.66
C GLY B 161 3.36 12.00 -17.72
N LYS B 162 3.25 11.43 -16.52
CA LYS B 162 4.34 11.52 -15.54
C LYS B 162 5.25 10.30 -15.50
N LEU B 163 6.56 10.55 -15.42
CA LEU B 163 7.55 9.50 -15.37
C LEU B 163 7.52 8.85 -13.99
N ILE B 164 7.36 7.53 -13.94
CA ILE B 164 7.29 6.81 -12.67
C ILE B 164 8.55 6.00 -12.37
N ASP B 165 8.95 5.17 -13.31
CA ASP B 165 10.13 4.34 -13.10
C ASP B 165 11.00 4.26 -14.34
N THR B 166 12.25 3.85 -14.15
CA THR B 166 13.21 3.73 -15.25
C THR B 166 14.49 2.98 -14.87
N ILE B 167 15.04 2.25 -15.83
CA ILE B 167 16.29 1.50 -15.65
C ILE B 167 17.00 1.33 -16.98
N LYS B 168 18.31 1.12 -16.91
CA LYS B 168 19.13 0.92 -18.11
C LYS B 168 18.90 -0.51 -18.60
N VAL B 169 18.62 -0.67 -19.89
CA VAL B 169 18.39 -2.01 -20.43
C VAL B 169 19.74 -2.70 -20.49
N LYS B 170 19.77 -4.02 -20.35
CA LYS B 170 21.04 -4.73 -20.38
C LYS B 170 21.61 -4.82 -21.79
N LEU B 172 25.47 -6.14 -24.61
CA LEU B 172 24.13 -6.30 -24.00
C LEU B 172 23.77 -7.78 -23.97
N THR B 173 22.49 -8.07 -23.73
CA THR B 173 21.99 -9.43 -23.68
C THR B 173 20.97 -9.59 -24.81
N GLY B 174 21.22 -10.54 -25.71
CA GLY B 174 20.31 -10.77 -26.83
C GLY B 174 18.84 -10.83 -26.47
N ILE B 175 17.98 -10.86 -27.48
CA ILE B 175 16.54 -10.92 -27.24
C ILE B 175 15.79 -11.13 -28.53
N ASN B 176 14.66 -11.82 -28.45
CA ASN B 176 13.85 -12.05 -29.64
C ASN B 176 12.38 -11.76 -29.37
N PHE B 177 11.93 -10.61 -29.86
CA PHE B 177 10.55 -10.18 -29.69
C PHE B 177 9.57 -11.05 -30.45
N SER B 178 8.41 -11.29 -29.84
CA SER B 178 7.37 -12.10 -30.42
C SER B 178 6.53 -11.28 -31.40
N LYS B 179 5.96 -11.96 -32.39
CA LYS B 179 5.11 -11.29 -33.35
C LYS B 179 3.68 -11.39 -32.85
N THR B 180 3.53 -11.81 -31.59
CA THR B 180 2.20 -11.94 -31.01
C THR B 180 2.03 -11.17 -29.71
N ILE B 181 0.89 -10.50 -29.58
CA ILE B 181 0.57 -9.75 -28.37
C ILE B 181 -0.80 -10.26 -27.91
N THR B 182 -0.87 -10.81 -26.70
CA THR B 182 -2.13 -11.35 -26.21
C THR B 182 -2.73 -10.64 -25.00
N PHE B 183 -3.93 -10.09 -25.18
CA PHE B 183 -4.66 -9.39 -24.12
C PHE B 183 -5.63 -10.39 -23.47
N GLN B 184 -5.38 -10.71 -22.21
CA GLN B 184 -6.21 -11.66 -21.48
C GLN B 184 -5.72 -11.68 -20.04
N MET B 185 -6.65 -11.70 -19.10
CA MET B 185 -6.29 -11.70 -17.69
C MET B 185 -6.07 -13.11 -17.18
N ASN B 186 -4.81 -13.50 -17.10
CA ASN B 186 -4.43 -14.83 -16.63
C ASN B 186 -3.75 -14.76 -15.26
N LYS B 187 -4.34 -15.44 -14.28
CA LYS B 187 -3.79 -15.42 -12.94
C LYS B 187 -2.48 -16.19 -12.73
N ILE B 188 -1.59 -15.59 -11.95
CA ILE B 188 -0.31 -16.22 -11.61
C ILE B 188 -0.62 -16.98 -10.32
N PRO B 189 -0.45 -18.31 -10.34
CA PRO B 189 -0.72 -19.14 -9.16
C PRO B 189 0.10 -18.80 -7.90
N ASN B 190 -0.55 -18.97 -6.75
CA ASN B 190 0.03 -18.73 -5.43
C ASN B 190 0.29 -17.26 -5.11
N THR B 191 -0.63 -16.40 -5.53
CA THR B 191 -0.50 -14.96 -5.28
C THR B 191 -1.86 -14.42 -4.85
N GLY B 192 -1.86 -13.30 -4.14
CA GLY B 192 -3.12 -12.71 -3.67
C GLY B 192 -3.98 -13.62 -2.79
N SER B 198 -15.33 -8.98 -4.76
CA SER B 198 -15.63 -9.83 -5.95
C SER B 198 -14.39 -10.58 -6.44
N ASP B 199 -14.50 -11.90 -6.54
CA ASP B 199 -13.39 -12.72 -6.99
C ASP B 199 -13.04 -12.40 -8.45
N ASN B 200 -13.92 -11.70 -9.16
CA ASN B 200 -13.67 -11.34 -10.55
C ASN B 200 -13.38 -9.87 -10.76
N ILE B 201 -12.27 -9.60 -11.43
CA ILE B 201 -11.85 -8.23 -11.73
C ILE B 201 -12.06 -7.96 -13.22
N ASN B 202 -12.15 -6.69 -13.56
CA ASN B 202 -12.33 -6.27 -14.96
C ASN B 202 -11.25 -5.35 -15.47
N MET B 203 -11.04 -5.43 -16.79
CA MET B 203 -10.03 -4.63 -17.45
C MET B 203 -10.60 -4.03 -18.73
N TRP B 204 -10.34 -2.74 -18.94
CA TRP B 204 -10.78 -2.05 -20.13
C TRP B 204 -9.51 -1.56 -20.79
N ILE B 205 -9.49 -1.58 -22.12
CA ILE B 205 -8.33 -1.13 -22.85
C ILE B 205 -8.82 -0.28 -23.99
N ARG B 206 -8.05 0.73 -24.35
CA ARG B 206 -8.44 1.61 -25.44
C ARG B 206 -7.25 2.36 -26.06
N ASP B 207 -7.13 2.24 -27.37
CA ASP B 207 -6.07 2.87 -28.14
C ASP B 207 -4.68 2.33 -27.81
N PHE B 208 -4.49 1.03 -28.01
CA PHE B 208 -3.19 0.40 -27.76
C PHE B 208 -2.24 0.70 -28.93
N TYR B 209 -1.27 1.59 -28.69
CA TYR B 209 -0.33 2.00 -29.73
C TYR B 209 1.07 1.47 -29.50
N ILE B 210 1.79 1.27 -30.60
CA ILE B 210 3.19 0.85 -30.59
C ILE B 210 3.86 1.78 -31.61
N PHE B 211 4.90 2.49 -31.16
CA PHE B 211 5.63 3.44 -32.00
C PHE B 211 7.03 2.92 -32.30
N ALA B 212 7.51 3.17 -33.51
CA ALA B 212 8.84 2.74 -33.94
C ALA B 212 9.91 3.72 -33.48
N LYS B 213 9.74 4.25 -32.27
CA LYS B 213 10.69 5.18 -31.70
C LYS B 213 10.47 5.32 -30.20
N GLU B 214 11.37 6.06 -29.56
CA GLU B 214 11.32 6.30 -28.14
C GLU B 214 10.74 7.69 -27.87
N LEU B 215 9.43 7.76 -27.73
CA LEU B 215 8.76 9.02 -27.47
C LEU B 215 9.41 9.69 -26.26
N ASP B 216 9.56 11.01 -26.33
CA ASP B 216 10.16 11.71 -25.21
C ASP B 216 9.04 12.34 -24.39
N ASP B 217 9.40 13.01 -23.31
CA ASP B 217 8.43 13.65 -22.42
C ASP B 217 7.35 14.49 -23.13
N LYS B 218 7.75 15.38 -24.03
CA LYS B 218 6.79 16.19 -24.76
C LYS B 218 5.92 15.31 -25.66
N ASP B 219 6.56 14.35 -26.34
CA ASP B 219 5.86 13.42 -27.24
C ASP B 219 4.73 12.70 -26.48
N ILE B 220 5.09 12.03 -25.38
CA ILE B 220 4.14 11.30 -24.53
C ILE B 220 2.99 12.21 -24.08
N ASN B 221 3.34 13.35 -23.51
CA ASN B 221 2.32 14.25 -23.01
C ASN B 221 1.41 14.86 -24.08
N ILE B 222 1.92 15.09 -25.28
CA ILE B 222 1.07 15.63 -26.34
C ILE B 222 0.10 14.53 -26.75
N LEU B 223 0.60 13.29 -26.78
CA LEU B 223 -0.20 12.12 -27.14
C LEU B 223 -1.27 11.87 -26.10
N PHE B 224 -0.85 11.95 -24.85
CA PHE B 224 -1.72 11.75 -23.69
C PHE B 224 -2.99 12.59 -23.82
N ASN B 225 -2.82 13.90 -24.03
CA ASN B 225 -3.95 14.82 -24.13
C ASN B 225 -4.72 14.71 -25.45
N SER B 226 -3.99 14.44 -26.52
CA SER B 226 -4.61 14.31 -27.84
C SER B 226 -5.69 13.22 -27.85
N LEU B 227 -5.57 12.26 -26.94
CA LEU B 227 -6.53 11.17 -26.90
C LEU B 227 -7.73 11.48 -26.01
N GLN B 228 -7.62 12.53 -25.19
CA GLN B 228 -8.72 12.91 -24.30
C GLN B 228 -9.55 14.08 -24.84
N TYR B 229 -10.80 14.15 -24.41
CA TYR B 229 -11.69 15.25 -24.77
C TYR B 229 -11.64 16.14 -23.55
N THR B 230 -10.53 16.86 -23.42
CA THR B 230 -10.26 17.73 -22.30
C THR B 230 -11.34 18.65 -21.77
N ASN B 231 -12.35 18.97 -22.57
CA ASN B 231 -13.39 19.83 -22.03
C ASN B 231 -14.62 19.07 -21.58
N VAL B 232 -14.50 17.74 -21.52
CA VAL B 232 -15.61 16.91 -21.06
C VAL B 232 -15.24 16.53 -19.63
N VAL B 233 -16.01 16.99 -18.66
CA VAL B 233 -15.72 16.67 -17.28
C VAL B 233 -15.87 15.18 -17.04
N LYS B 234 -15.00 14.62 -16.22
CA LYS B 234 -15.03 13.20 -15.92
C LYS B 234 -15.45 12.96 -14.47
N ASP B 235 -15.75 11.71 -14.15
CA ASP B 235 -16.09 11.35 -12.78
C ASP B 235 -14.85 10.71 -12.17
N TYR B 236 -14.89 10.43 -10.88
CA TYR B 236 -13.74 9.84 -10.18
C TYR B 236 -12.97 8.77 -10.94
N TRP B 237 -13.68 7.91 -11.66
CA TRP B 237 -13.04 6.80 -12.38
C TRP B 237 -12.56 7.09 -13.81
N GLY B 238 -12.66 8.34 -14.26
CA GLY B 238 -12.21 8.66 -15.60
C GLY B 238 -13.27 8.61 -16.69
N ASN B 239 -14.44 8.05 -16.40
CA ASN B 239 -15.51 7.99 -17.40
C ASN B 239 -16.17 9.37 -17.49
N ASP B 240 -16.92 9.60 -18.56
CA ASP B 240 -17.60 10.88 -18.78
C ASP B 240 -18.64 11.20 -17.70
N LEU B 241 -18.64 12.44 -17.24
CA LEU B 241 -19.61 12.85 -16.22
C LEU B 241 -20.92 13.07 -16.96
N ARG B 242 -22.00 12.47 -16.42
CA ARG B 242 -23.32 12.56 -17.05
C ARG B 242 -24.34 13.33 -16.21
N TYR B 243 -25.40 13.78 -16.87
CA TYR B 243 -26.47 14.48 -16.18
C TYR B 243 -27.55 13.46 -15.87
N ASP B 244 -28.36 13.75 -14.87
CA ASP B 244 -29.42 12.84 -14.50
C ASP B 244 -28.85 11.47 -14.15
N LYS B 245 -27.68 11.47 -13.51
CA LYS B 245 -27.04 10.25 -13.07
C LYS B 245 -26.69 10.44 -11.60
N GLU B 246 -26.92 9.42 -10.79
CA GLU B 246 -26.63 9.51 -9.35
C GLU B 246 -25.15 9.48 -9.03
N TYR B 247 -24.70 10.46 -8.24
CA TYR B 247 -23.30 10.57 -7.85
C TYR B 247 -23.08 10.85 -6.37
N TYR B 248 -21.89 10.52 -5.90
CA TYR B 248 -21.50 10.80 -4.52
C TYR B 248 -20.53 11.98 -4.64
N MET B 249 -21.01 13.18 -4.32
CA MET B 249 -20.16 14.37 -4.41
C MET B 249 -19.17 14.36 -3.25
N ILE B 250 -17.90 14.58 -3.57
CA ILE B 250 -16.86 14.57 -2.55
C ILE B 250 -15.81 15.64 -2.80
N ASN B 251 -15.26 16.20 -1.73
CA ASN B 251 -14.22 17.22 -1.85
C ASN B 251 -12.87 16.50 -1.73
N VAL B 252 -11.94 16.81 -2.63
CA VAL B 252 -10.64 16.15 -2.61
C VAL B 252 -9.92 16.24 -1.27
N ASN B 253 -10.05 17.38 -0.60
CA ASN B 253 -9.41 17.56 0.70
C ASN B 253 -10.10 16.75 1.78
N TYR B 254 -11.23 16.12 1.46
CA TYR B 254 -11.98 15.33 2.42
C TYR B 254 -12.69 14.10 1.83
N MET B 255 -11.89 13.20 1.25
CA MET B 255 -12.42 11.99 0.62
C MET B 255 -13.09 11.01 1.59
N ASN B 256 -12.78 11.14 2.88
CA ASN B 256 -13.35 10.26 3.89
C ASN B 256 -14.68 10.84 4.41
N ARG B 257 -15.29 11.75 3.65
CA ARG B 257 -16.54 12.36 4.07
C ARG B 257 -17.67 12.14 3.09
N TYR B 258 -18.84 11.80 3.61
CA TYR B 258 -20.02 11.62 2.78
C TYR B 258 -20.95 12.79 3.12
N MET B 259 -21.97 13.00 2.30
CA MET B 259 -22.88 14.10 2.52
C MET B 259 -24.10 13.73 3.32
N SER B 260 -24.42 14.58 4.28
CA SER B 260 -25.58 14.39 5.15
C SER B 260 -26.30 15.72 5.26
N LYS B 261 -27.42 15.74 5.97
CA LYS B 261 -28.18 16.98 6.09
C LYS B 261 -28.57 17.28 7.54
N LYS B 262 -28.35 18.51 7.96
CA LYS B 262 -28.69 18.95 9.29
C LYS B 262 -29.54 20.20 9.14
N GLY B 263 -30.82 20.04 9.46
CA GLY B 263 -31.73 21.14 9.34
C GLY B 263 -31.77 21.72 7.95
N ASN B 264 -31.19 22.90 7.80
CA ASN B 264 -31.21 23.61 6.54
C ASN B 264 -30.02 23.43 5.59
N GLY B 265 -28.91 22.90 6.09
CA GLY B 265 -27.76 22.77 5.21
C GLY B 265 -27.12 21.42 5.08
N ILE B 266 -26.12 21.38 4.20
CA ILE B 266 -25.36 20.18 3.92
C ILE B 266 -24.17 20.18 4.87
N VAL B 267 -23.97 19.05 5.53
CA VAL B 267 -22.87 18.87 6.46
C VAL B 267 -22.12 17.57 6.13
N PHE B 268 -20.84 17.51 6.47
CA PHE B 268 -20.03 16.32 6.16
C PHE B 268 -19.69 15.43 7.33
N ASN B 269 -20.12 14.19 7.23
CA ASN B 269 -19.83 13.22 8.26
C ASN B 269 -18.82 12.23 7.71
N THR B 270 -18.04 11.66 8.62
CA THR B 270 -16.99 10.72 8.25
C THR B 270 -17.54 9.36 7.84
N ARG B 271 -16.93 8.79 6.80
CA ARG B 271 -17.32 7.48 6.29
C ARG B 271 -16.87 6.41 7.27
N LYS B 272 -17.74 5.44 7.53
CA LYS B 272 -17.38 4.35 8.43
C LYS B 272 -16.84 3.20 7.58
N ASN B 273 -16.93 3.35 6.26
CA ASN B 273 -16.44 2.34 5.30
C ASN B 273 -15.49 2.98 4.31
N ASN B 274 -14.23 3.17 4.68
CA ASN B 274 -13.26 3.78 3.78
C ASN B 274 -12.83 2.80 2.69
N ASN B 275 -13.45 1.63 2.69
CA ASN B 275 -13.16 0.58 1.74
C ASN B 275 -14.02 0.76 0.48
N ASP B 276 -15.12 1.52 0.62
CA ASP B 276 -16.05 1.76 -0.48
C ASP B 276 -16.66 3.15 -0.44
N PHE B 277 -17.51 3.43 -1.43
CA PHE B 277 -18.23 4.69 -1.51
C PHE B 277 -19.71 4.30 -1.51
N ASN B 278 -20.30 4.17 -0.33
CA ASN B 278 -21.70 3.77 -0.25
C ASN B 278 -22.36 4.36 0.97
N GLU B 279 -21.98 5.58 1.31
CA GLU B 279 -22.56 6.26 2.46
C GLU B 279 -23.03 7.65 2.06
N GLY B 280 -24.03 8.14 2.77
CA GLY B 280 -24.53 9.46 2.50
C GLY B 280 -25.46 9.61 1.33
N TYR B 281 -25.97 10.83 1.20
CA TYR B 281 -26.90 11.20 0.15
C TYR B 281 -26.20 11.33 -1.20
N LYS B 282 -26.98 11.05 -2.25
CA LYS B 282 -26.50 11.10 -3.62
C LYS B 282 -27.04 12.34 -4.29
N ILE B 283 -26.28 12.92 -5.21
CA ILE B 283 -26.75 14.10 -5.91
C ILE B 283 -26.82 13.82 -7.40
N ILE B 284 -27.79 14.46 -8.05
CA ILE B 284 -27.99 14.31 -9.48
C ILE B 284 -27.76 15.66 -10.12
N ILE B 285 -26.84 15.71 -11.07
CA ILE B 285 -26.53 16.96 -11.75
C ILE B 285 -27.54 17.18 -12.86
N LYS B 286 -28.17 18.35 -12.85
CA LYS B 286 -29.17 18.69 -13.85
C LYS B 286 -28.66 19.86 -14.68
N ARG B 287 -28.82 19.75 -15.99
CA ARG B 287 -28.35 20.79 -16.89
C ARG B 287 -29.31 21.98 -17.00
N ILE B 288 -28.74 23.18 -17.08
CA ILE B 288 -29.49 24.41 -17.23
C ILE B 288 -29.10 24.98 -18.59
N ARG B 289 -27.80 24.92 -18.88
CA ARG B 289 -27.26 25.41 -20.13
C ARG B 289 -26.14 24.46 -20.56
N GLY B 290 -26.36 23.75 -21.66
CA GLY B 290 -25.38 22.82 -22.17
C GLY B 290 -25.60 22.35 -23.60
N ASN B 291 -25.02 21.20 -23.93
CA ASN B 291 -25.13 20.60 -25.26
C ASN B 291 -26.26 19.55 -25.24
N THR B 292 -27.33 19.81 -25.98
CA THR B 292 -28.50 18.90 -26.02
C THR B 292 -28.34 17.57 -26.77
N ASN B 293 -27.21 17.36 -27.44
CA ASN B 293 -26.97 16.12 -28.17
C ASN B 293 -26.85 14.91 -27.26
N ASP B 294 -26.18 15.09 -26.12
CA ASP B 294 -26.00 14.01 -25.15
C ASP B 294 -26.17 14.51 -23.72
N THR B 295 -25.98 13.61 -22.76
CA THR B 295 -26.11 13.99 -21.36
C THR B 295 -24.74 14.15 -20.71
N ARG B 296 -23.74 14.52 -21.51
CA ARG B 296 -22.39 14.71 -21.01
C ARG B 296 -22.21 16.09 -20.43
N VAL B 297 -21.60 16.17 -19.25
CA VAL B 297 -21.35 17.45 -18.59
C VAL B 297 -20.05 18.03 -19.16
N ARG B 298 -20.14 19.25 -19.70
CA ARG B 298 -18.97 19.88 -20.30
C ARG B 298 -18.41 21.15 -19.64
N GLY B 299 -17.22 21.50 -20.11
CA GLY B 299 -16.47 22.65 -19.65
C GLY B 299 -17.13 23.92 -19.17
N GLU B 300 -18.12 24.45 -19.88
CA GLU B 300 -18.73 25.68 -19.37
C GLU B 300 -20.20 25.56 -19.02
N ASN B 301 -20.74 24.36 -19.12
CA ASN B 301 -22.15 24.15 -18.81
C ASN B 301 -22.54 24.83 -17.49
N VAL B 302 -23.75 25.36 -17.44
CA VAL B 302 -24.27 25.98 -16.23
C VAL B 302 -25.19 24.89 -15.72
N LEU B 303 -25.20 24.66 -14.41
CA LEU B 303 -26.03 23.59 -13.89
C LEU B 303 -26.44 23.76 -12.44
N TYR B 304 -27.16 22.77 -11.94
CA TYR B 304 -27.60 22.75 -10.55
C TYR B 304 -27.69 21.29 -10.11
N PHE B 305 -27.67 21.04 -8.80
CA PHE B 305 -27.72 19.67 -8.29
C PHE B 305 -28.98 19.35 -7.48
N ASN B 306 -29.50 18.14 -7.69
CA ASN B 306 -30.67 17.68 -6.96
C ASN B 306 -30.26 16.59 -6.00
N THR B 307 -31.08 16.38 -4.98
CA THR B 307 -30.83 15.34 -4.01
C THR B 307 -32.12 14.91 -3.33
N THR B 308 -32.25 13.62 -3.10
CA THR B 308 -33.44 13.08 -2.45
C THR B 308 -33.00 12.61 -1.06
N ILE B 309 -33.32 13.40 -0.03
CA ILE B 309 -32.93 13.05 1.34
C ILE B 309 -33.73 11.93 1.99
N ASP B 310 -34.88 12.25 2.56
CA ASP B 310 -35.69 11.21 3.16
C ASP B 310 -36.51 10.63 2.04
N ASN B 311 -37.39 11.45 1.49
CA ASN B 311 -38.20 11.04 0.36
C ASN B 311 -38.62 12.27 -0.38
N LYS B 312 -38.10 13.41 0.07
CA LYS B 312 -38.39 14.68 -0.58
C LYS B 312 -37.19 15.04 -1.46
N GLN B 313 -37.45 15.76 -2.56
CA GLN B 313 -36.38 16.15 -3.46
C GLN B 313 -36.07 17.62 -3.28
N TYR B 314 -34.83 17.91 -2.89
CA TYR B 314 -34.39 19.28 -2.68
C TYR B 314 -33.35 19.55 -3.75
N SER B 315 -32.91 20.80 -3.84
CA SER B 315 -31.89 21.20 -4.81
C SER B 315 -30.84 21.99 -4.03
N LEU B 316 -29.57 21.93 -4.45
CA LEU B 316 -28.54 22.65 -3.73
C LEU B 316 -28.52 24.17 -3.95
N GLY B 317 -28.53 24.91 -2.85
CA GLY B 317 -28.51 26.36 -2.92
C GLY B 317 -27.94 27.01 -1.68
N MET B 318 -27.74 28.32 -1.74
CA MET B 318 -27.21 29.04 -0.59
C MET B 318 -28.32 29.32 0.42
N TYR B 319 -27.91 29.62 1.65
CA TYR B 319 -28.85 29.93 2.70
C TYR B 319 -28.15 30.82 3.71
N LYS B 320 -28.94 31.59 4.45
CA LYS B 320 -28.39 32.49 5.47
C LYS B 320 -28.17 31.67 6.73
N PRO B 321 -26.90 31.52 7.15
CA PRO B 321 -26.61 30.74 8.35
C PRO B 321 -27.03 31.51 9.60
N SER B 322 -27.21 30.79 10.70
CA SER B 322 -27.61 31.38 11.98
C SER B 322 -26.74 32.58 12.38
N ARG B 323 -25.51 32.59 11.89
CA ARG B 323 -24.55 33.67 12.15
C ARG B 323 -23.59 33.73 10.97
N ASN B 324 -22.96 34.89 10.79
CA ASN B 324 -22.01 35.06 9.70
C ASN B 324 -20.81 34.15 9.97
N LEU B 325 -20.51 33.26 9.02
CA LEU B 325 -19.39 32.32 9.14
C LEU B 325 -18.04 32.98 8.84
N GLY B 326 -18.11 34.11 8.15
CA GLY B 326 -16.90 34.83 7.80
C GLY B 326 -17.16 35.82 6.68
N THR B 327 -16.15 36.62 6.35
CA THR B 327 -16.30 37.60 5.29
C THR B 327 -16.35 36.92 3.94
N ASP B 328 -17.27 37.39 3.09
CA ASP B 328 -17.46 36.86 1.74
C ASP B 328 -17.76 35.37 1.69
N LEU B 329 -18.20 34.81 2.81
CA LEU B 329 -18.52 33.40 2.88
C LEU B 329 -20.03 33.16 2.90
N VAL B 330 -20.46 32.07 2.27
CA VAL B 330 -21.87 31.73 2.26
C VAL B 330 -22.05 30.23 2.02
N PRO B 331 -22.68 29.55 3.00
CA PRO B 331 -22.92 28.10 2.98
C PRO B 331 -23.84 27.60 1.86
N LEU B 332 -23.76 26.29 1.61
CA LEU B 332 -24.57 25.64 0.58
C LEU B 332 -25.35 24.51 1.24
N GLY B 333 -26.65 24.44 0.99
CA GLY B 333 -27.47 23.41 1.58
C GLY B 333 -28.56 22.88 0.67
N ALA B 334 -29.45 22.05 1.22
CA ALA B 334 -30.56 21.47 0.47
C ALA B 334 -31.87 22.22 0.73
N LEU B 335 -32.28 23.00 -0.26
CA LEU B 335 -33.51 23.78 -0.16
C LEU B 335 -34.64 23.14 -0.98
N ASP B 336 -35.86 23.64 -0.78
CA ASP B 336 -37.03 23.15 -1.51
C ASP B 336 -37.39 24.22 -2.51
N GLN B 337 -36.37 24.97 -2.89
CA GLN B 337 -36.47 26.08 -3.84
C GLN B 337 -36.93 25.69 -5.24
N PRO B 338 -37.78 26.53 -5.86
CA PRO B 338 -38.31 26.34 -7.21
C PRO B 338 -37.30 26.87 -8.22
N MET B 339 -37.41 26.43 -9.48
CA MET B 339 -36.48 26.83 -10.54
C MET B 339 -36.07 28.29 -10.47
N ASP B 340 -37.04 29.13 -10.14
CA ASP B 340 -36.83 30.57 -10.01
C ASP B 340 -35.60 30.76 -9.14
N GLU B 341 -35.62 30.08 -8.00
CA GLU B 341 -34.55 30.11 -7.01
C GLU B 341 -33.27 29.48 -7.52
N ILE B 342 -33.38 28.23 -7.95
CA ILE B 342 -32.23 27.49 -8.44
C ILE B 342 -31.33 28.32 -9.36
N ARG B 343 -31.93 29.13 -10.21
CA ARG B 343 -31.16 29.96 -11.14
C ARG B 343 -30.44 31.12 -10.46
N LYS B 344 -31.03 31.63 -9.40
CA LYS B 344 -30.45 32.77 -8.69
C LYS B 344 -29.55 32.39 -7.53
N TYR B 345 -29.78 31.21 -6.96
CA TYR B 345 -29.01 30.80 -5.79
C TYR B 345 -28.29 29.47 -5.88
N GLY B 346 -28.69 28.61 -6.82
CA GLY B 346 -28.05 27.31 -6.92
C GLY B 346 -27.40 26.87 -8.23
N SER B 347 -27.29 27.77 -9.21
CA SER B 347 -26.67 27.41 -10.48
C SER B 347 -25.16 27.57 -10.47
N PHE B 348 -24.47 26.56 -10.99
CA PHE B 348 -23.01 26.59 -11.04
C PHE B 348 -22.46 26.37 -12.44
N ILE B 349 -21.31 26.98 -12.69
CA ILE B 349 -20.58 26.88 -13.96
C ILE B 349 -19.46 25.89 -13.66
N ILE B 350 -19.63 24.64 -14.08
CA ILE B 350 -18.60 23.63 -13.81
C ILE B 350 -17.39 23.87 -14.69
N GLN B 351 -16.28 23.24 -14.31
CA GLN B 351 -15.03 23.37 -15.06
C GLN B 351 -14.18 22.14 -14.73
N PRO B 352 -13.66 21.44 -15.76
CA PRO B 352 -12.84 20.26 -15.50
C PRO B 352 -11.54 20.61 -14.77
N CYS B 353 -11.13 19.74 -13.85
CA CYS B 353 -9.91 19.96 -13.08
C CYS B 353 -9.27 18.62 -12.76
N ASN B 354 -8.45 18.13 -13.68
CA ASN B 354 -7.81 16.84 -13.51
C ASN B 354 -6.34 16.98 -13.17
N THR B 355 -5.85 16.09 -12.31
CA THR B 355 -4.46 16.09 -11.88
C THR B 355 -4.04 14.65 -11.99
N PHE B 356 -2.78 14.34 -11.64
CA PHE B 356 -2.31 12.96 -11.73
C PHE B 356 -3.09 12.05 -10.80
N ASP B 357 -3.27 12.48 -9.57
CA ASP B 357 -3.98 11.68 -8.58
C ASP B 357 -5.50 11.60 -8.73
N TYR B 358 -6.10 12.44 -9.57
CA TYR B 358 -7.56 12.38 -9.70
C TYR B 358 -8.24 13.22 -10.78
N TYR B 359 -9.45 12.81 -11.10
CA TYR B 359 -10.32 13.49 -12.07
C TYR B 359 -11.29 14.28 -11.21
N ALA B 360 -11.24 15.60 -11.28
CA ALA B 360 -12.15 16.41 -10.48
C ALA B 360 -12.73 17.57 -11.29
N SER B 361 -13.27 18.56 -10.59
CA SER B 361 -13.85 19.71 -11.23
C SER B 361 -13.88 20.88 -10.26
N GLN B 362 -14.12 22.06 -10.79
CA GLN B 362 -14.24 23.28 -10.00
C GLN B 362 -15.61 23.86 -10.37
N LEU B 363 -16.34 24.30 -9.35
CA LEU B 363 -17.68 24.85 -9.54
C LEU B 363 -17.73 26.33 -9.16
N PHE B 364 -18.31 27.15 -10.02
CA PHE B 364 -18.41 28.59 -9.78
C PHE B 364 -19.87 29.03 -9.69
N LEU B 365 -20.20 29.82 -8.67
CA LEU B 365 -21.56 30.30 -8.51
C LEU B 365 -21.88 31.18 -9.71
N SER B 366 -22.99 30.88 -10.38
CA SER B 366 -23.37 31.66 -11.54
C SER B 366 -24.38 32.76 -11.21
N SER B 367 -24.40 33.78 -12.06
CA SER B 367 -25.30 34.90 -11.91
C SER B 367 -26.55 34.66 -12.77
N ASN B 368 -27.69 34.48 -12.11
CA ASN B 368 -28.94 34.24 -12.81
C ASN B 368 -28.87 33.11 -13.83
N ALA B 369 -28.08 32.10 -13.50
CA ALA B 369 -27.90 30.92 -14.34
C ALA B 369 -27.16 31.21 -15.62
N THR B 370 -26.15 32.08 -15.56
CA THR B 370 -25.39 32.40 -16.75
C THR B 370 -23.92 32.02 -16.56
N THR B 371 -23.14 32.17 -17.61
CA THR B 371 -21.73 31.82 -17.53
C THR B 371 -20.98 32.92 -16.78
N ASN B 372 -21.73 33.79 -16.08
CA ASN B 372 -21.13 34.86 -15.30
C ASN B 372 -20.75 34.38 -13.90
N ARG B 373 -19.45 34.28 -13.66
CA ARG B 373 -18.89 33.81 -12.39
C ARG B 373 -19.16 34.82 -11.26
N LEU B 374 -19.59 34.32 -10.10
CA LEU B 374 -19.84 35.18 -8.94
C LEU B 374 -18.95 34.82 -7.75
N GLY B 375 -18.69 33.53 -7.59
CA GLY B 375 -17.85 33.05 -6.51
C GLY B 375 -17.37 31.63 -6.83
N ILE B 376 -16.66 30.99 -5.90
CA ILE B 376 -16.15 29.64 -6.13
C ILE B 376 -16.49 28.69 -4.97
N LEU B 377 -17.02 27.51 -5.30
CA LEU B 377 -17.39 26.54 -4.27
C LEU B 377 -16.21 25.88 -3.57
N SER B 378 -15.94 26.30 -2.34
CA SER B 378 -14.85 25.73 -1.59
C SER B 378 -15.39 24.83 -0.49
N ILE B 379 -14.74 24.81 0.66
CA ILE B 379 -15.15 23.97 1.77
C ILE B 379 -14.51 24.48 3.07
N GLY B 380 -15.12 24.13 4.20
CA GLY B 380 -14.58 24.58 5.47
C GLY B 380 -15.40 24.14 6.66
N SER B 381 -14.85 24.32 7.86
CA SER B 381 -15.53 23.92 9.07
C SER B 381 -15.82 25.14 9.95
N TYR B 382 -17.08 25.36 10.30
CA TYR B 382 -17.46 26.50 11.14
C TYR B 382 -18.37 26.14 12.30
N SER B 383 -18.44 27.03 13.28
CA SER B 383 -19.27 26.80 14.45
C SER B 383 -20.50 27.71 14.41
N PHE B 384 -21.67 27.09 14.35
CA PHE B 384 -22.92 27.83 14.31
C PHE B 384 -24.10 26.91 14.62
N ARG B 385 -25.29 27.48 14.72
CA ARG B 385 -26.48 26.69 15.00
C ARG B 385 -27.16 26.24 13.69
N LEU B 386 -27.39 24.94 13.57
CA LEU B 386 -28.06 24.35 12.41
C LEU B 386 -29.29 23.64 12.95
N GLY B 387 -30.29 23.46 12.10
CA GLY B 387 -31.51 22.83 12.58
C GLY B 387 -32.00 23.81 13.63
N GLY B 388 -33.00 23.42 14.41
CA GLY B 388 -33.46 24.35 15.42
C GLY B 388 -32.64 24.22 16.68
N ASP B 389 -31.41 23.71 16.55
CA ASP B 389 -30.56 23.52 17.72
C ASP B 389 -30.44 24.80 18.52
N TRP B 390 -30.31 24.64 19.82
CA TRP B 390 -30.17 25.75 20.74
C TRP B 390 -28.70 25.98 21.06
N TYR B 391 -27.85 25.10 20.52
CA TYR B 391 -26.40 25.22 20.73
C TYR B 391 -25.70 25.20 19.39
N ARG B 392 -24.50 25.75 19.37
CA ARG B 392 -23.71 25.78 18.15
C ARG B 392 -22.93 24.47 18.09
N HIS B 393 -22.47 24.12 16.90
CA HIS B 393 -21.69 22.91 16.74
C HIS B 393 -20.75 23.07 15.55
N GLU B 394 -19.66 22.32 15.57
CA GLU B 394 -18.66 22.36 14.51
C GLU B 394 -19.12 21.53 13.32
N TYR B 395 -19.30 22.21 12.18
CA TYR B 395 -19.77 21.57 10.95
C TYR B 395 -18.85 21.78 9.73
N LEU B 396 -18.38 20.68 9.15
CA LEU B 396 -17.56 20.76 7.95
C LEU B 396 -18.59 20.80 6.83
N ILE B 397 -18.72 21.95 6.17
CA ILE B 397 -19.72 22.12 5.12
C ILE B 397 -19.14 22.64 3.82
N PRO B 398 -19.83 22.40 2.70
CA PRO B 398 -19.36 22.90 1.41
C PRO B 398 -19.70 24.39 1.48
N VAL B 399 -18.72 25.26 1.25
CA VAL B 399 -18.97 26.68 1.36
C VAL B 399 -18.47 27.47 0.17
N ILE B 400 -19.28 28.45 -0.25
CA ILE B 400 -18.97 29.32 -1.40
C ILE B 400 -18.30 30.63 -0.99
N LYS B 401 -17.19 30.95 -1.65
CA LYS B 401 -16.43 32.18 -1.42
C LYS B 401 -16.95 33.12 -2.50
N ILE B 402 -17.52 34.25 -2.08
CA ILE B 402 -18.14 35.17 -3.02
C ILE B 402 -17.35 36.43 -3.32
N GLU B 403 -17.08 36.54 -4.61
CA GLU B 403 -16.46 37.66 -5.30
C GLU B 403 -15.00 38.08 -5.08
N HIS B 404 -14.28 37.25 -4.32
CA HIS B 404 -12.87 37.47 -4.02
C HIS B 404 -12.41 36.08 -3.63
N TYR B 405 -11.89 35.34 -4.60
CA TYR B 405 -11.46 33.99 -4.37
C TYR B 405 -10.25 33.64 -5.20
N ALA B 406 -9.57 34.65 -5.71
CA ALA B 406 -8.41 34.47 -6.56
C ALA B 406 -7.40 33.48 -5.96
N SER B 407 -7.30 33.50 -4.63
CA SER B 407 -6.36 32.62 -3.93
C SER B 407 -6.85 31.18 -3.79
N LEU B 408 -8.16 30.97 -3.93
CA LEU B 408 -8.74 29.63 -3.84
C LEU B 408 -8.67 28.92 -5.17
N LEU B 409 -8.40 29.69 -6.22
CA LEU B 409 -8.29 29.15 -7.57
C LEU B 409 -7.33 27.96 -7.60
N GLU B 410 -6.22 28.11 -6.89
CA GLU B 410 -5.18 27.09 -6.85
C GLU B 410 -5.31 26.07 -5.73
N SER B 411 -6.25 26.27 -4.81
CA SER B 411 -6.43 25.36 -3.69
C SER B 411 -7.24 24.11 -4.02
N THR B 412 -6.74 22.95 -3.61
CA THR B 412 -7.44 21.69 -3.86
C THR B 412 -8.76 21.63 -3.09
N SER B 413 -9.00 22.65 -2.26
CA SER B 413 -10.22 22.75 -1.46
C SER B 413 -11.40 23.14 -2.36
N THR B 414 -11.11 23.41 -3.63
CA THR B 414 -12.14 23.77 -4.58
C THR B 414 -12.28 22.66 -5.62
N HIS B 415 -11.52 21.59 -5.43
CA HIS B 415 -11.55 20.43 -6.32
C HIS B 415 -12.64 19.47 -5.88
N TRP B 416 -13.71 19.38 -6.66
CA TRP B 416 -14.80 18.49 -6.30
C TRP B 416 -14.81 17.29 -7.24
N VAL B 417 -15.09 16.12 -6.67
CA VAL B 417 -15.11 14.89 -7.43
C VAL B 417 -16.50 14.23 -7.40
N PHE B 418 -16.79 13.43 -8.43
CA PHE B 418 -18.07 12.74 -8.49
C PHE B 418 -17.88 11.25 -8.71
N VAL B 419 -18.27 10.46 -7.73
CA VAL B 419 -18.15 9.01 -7.81
C VAL B 419 -19.50 8.43 -8.15
N PRO B 420 -19.61 7.70 -9.28
CA PRO B 420 -20.92 7.13 -9.60
C PRO B 420 -21.40 6.25 -8.45
N ALA B 421 -22.64 6.48 -8.02
CA ALA B 421 -23.21 5.74 -6.93
C ALA B 421 -24.16 4.68 -7.47
N SER B 422 -24.13 4.49 -8.79
CA SER B 422 -25.00 3.53 -9.48
C SER B 422 -26.38 3.58 -8.87
#